data_9DWW
#
_entry.id   9DWW
#
_cell.length_a   1.00
_cell.length_b   1.00
_cell.length_c   1.00
_cell.angle_alpha   90.00
_cell.angle_beta   90.00
_cell.angle_gamma   90.00
#
_symmetry.space_group_name_H-M   'P 1'
#
loop_
_entity.id
_entity.type
_entity.pdbx_description
1 polymer 'Protein cereblon'
2 polymer 'DNA damage-binding protein 1'
3 polymer "Retinal rod rhodopsin-sensitive cGMP 3',5'-cyclic phosphodiesterase subunit delta"
4 non-polymer 'ZINC ION'
5 non-polymer (3S)-3-[(4M)-4-(4-methoxythiophen-3-yl)-1H-1,2,3-triazol-1-yl]piperidine-2,6-dione
#
loop_
_entity_poly.entity_id
_entity_poly.type
_entity_poly.pdbx_seq_one_letter_code
_entity_poly.pdbx_strand_id
1 'polypeptide(L)'
;GSMAGEGDQQDAAHNMGNHLPLLPAESEEEDEMEVEDQDSKEAKKPNIINFDTSLPTSHTYLGADMEEFHGRTLHDDDSC
QVIPVLPQVMMILIPGQTLPLQLFHPQEVSMVRNLIQKDRTFAVLAYSNVQEREAQFGTTAEIYAYREEQDFGIEIVKVK
AIGRQRFKVLELRTQSDGIQQAKVQILPECVLPSTMSAVQLESLNKCQIFPSKPVSREDQCSYKWWQKYQKRKFHCANLT
SWPRWLYSLYDAETLMDRIKKQLREWDENLKDDSLPSNPIDFSYRVAACLPIDDVLRIQLLKIGSAIQRLRCELDIMNKC
TSLCCKQCQETEITTKNEIFSLSLCGPMAAYVNPHGYVHETLTVYKACNLNLIGRPSTEHSWFPGYAWTVAQCKICASHI
GWKFTATKKDMSPQKFWGLTRSALLPTIPDTEDEISPDKVILCL
;
C
2 'polypeptide(L)'
;GGRMSYNYVVTAQKPTAVNGCVTGHFTSAEDLNLLIAKNTRLEIYVVTAEGLRPVKEVGMYGKIAVMELFRPKGESKDLL
FILTAKYNACILEYKQSGESIDIITRAHGNVQDRIGRPSETGIIGIIDPECRMIGLRLYDGLFKVIPLDRDNKELKAFNI
RLEELHVIDVKFLYGCQAPTICFVYQDPQGRHVKTYEVSLREKEFNKGPWKQENVEAEASMVIAVPEPFGGAIIIGQESI
TYHNGDKYLAIAPPIIKQSTIVCHNRVDPNGSRYLLGDMEGRLFMLLLEKEEQMDGTVTLKDLRVELLGETSIAECLTYL
DNGVVFVGSRLGDSQLVKLNVDSNEQGSYVVAMETFTNLGPIVDMCVVDLERQGQGQLVTCSGAFKEGSLRIIRNGIGGN
GNSGEIQKLHIRTVPLYESPRKICYQEVSQCFGVLSSRIEVQDTSGGTTALRPSASTQALSSSVSSSKLFSSSTAPHETS
FGEEVEVHNLLIIDQHTFEVLHAHQFLQNEYALSLVSCKLGKDPNTYFIVGTAMVYPEEAEPKQGRIVVFQYSDGKLQTV
AEKEVKGAVYSMVEFNGKLLASINSTVRLYEWTTEKELRTECNHYNNIMALYLKTKGDFILVGDLMRSVLLLAYKPMEGN
FEEIARDFNPNWMSAVEILDDDNFLGAENAFNLFVCQKDSAATTDEERQHLQEVGLFHLGEFVNVFCHGSLVMQNLGETS
TPTQGSVLFGTVNGMIGLVTSLSESWYNLLLDMQNRLNKVIKSVGKIEHSFWRSFHTERKTEPATGFIDGDLIESFLDIS
RPKMQEVVANLQYDDGSGMKREATADDLIKVVEELTRIH
;
D
3 'polypeptide(L)'
;GGRSAKDERAREILRGFKLNWMNLRDAETGKILWQGTEDLSVPGVEHEARVPKKILKCKAVSRELNFSSTEQMEKFRLEQ
KVYFKGQCLEEWFFEFGFVIPNSTNTWQSLIEAAPESQMMPASVLTGNVIIETKFFDDDLLVSTSRVRLFYV
;
P
#
# COMPACT_ATOMS: atom_id res chain seq x y z
N ASP A 52 -32.99 4.66 15.30
CA ASP A 52 -31.96 3.66 15.53
C ASP A 52 -30.79 3.84 14.57
N THR A 53 -29.77 2.98 14.71
CA THR A 53 -28.59 3.11 13.87
C THR A 53 -28.84 2.65 12.44
N SER A 54 -29.76 1.71 12.25
CA SER A 54 -30.03 1.13 10.93
C SER A 54 -31.27 1.71 10.26
N LEU A 55 -31.95 2.67 10.90
CA LEU A 55 -33.13 3.26 10.26
C LEU A 55 -32.77 4.09 9.03
N PRO A 56 -31.86 5.07 9.10
CA PRO A 56 -31.67 5.96 7.94
C PRO A 56 -31.05 5.30 6.72
N THR A 57 -30.41 4.14 6.87
CA THR A 57 -29.62 3.60 5.77
C THR A 57 -30.50 3.17 4.59
N SER A 58 -31.69 2.65 4.86
CA SER A 58 -32.56 2.17 3.80
C SER A 58 -33.40 3.26 3.16
N HIS A 59 -33.47 4.45 3.74
CA HIS A 59 -34.25 5.55 3.21
C HIS A 59 -35.73 5.16 3.08
N THR A 60 -36.33 4.87 4.23
CA THR A 60 -37.75 4.52 4.26
C THR A 60 -38.62 5.69 3.84
N TYR A 61 -38.13 6.92 3.99
CA TYR A 61 -38.87 8.09 3.51
C TYR A 61 -39.11 8.02 2.02
N LEU A 62 -38.24 7.36 1.27
CA LEU A 62 -38.43 7.16 -0.16
C LEU A 62 -39.43 6.04 -0.48
N GLY A 63 -40.02 5.41 0.53
CA GLY A 63 -41.00 4.37 0.31
C GLY A 63 -40.42 2.99 0.46
N ALA A 64 -41.13 2.11 1.18
CA ALA A 64 -40.61 0.77 1.44
C ALA A 64 -40.47 -0.03 0.16
N ASP A 65 -41.51 -0.04 -0.67
CA ASP A 65 -41.49 -0.83 -1.89
C ASP A 65 -40.55 -0.19 -2.92
N MET A 66 -39.65 -1.00 -3.46
CA MET A 66 -38.74 -0.51 -4.50
C MET A 66 -38.16 -1.71 -5.23
N GLU A 67 -37.90 -1.51 -6.52
CA GLU A 67 -37.36 -2.59 -7.36
C GLU A 67 -35.88 -2.78 -7.03
N GLU A 68 -35.60 -3.75 -6.16
CA GLU A 68 -34.25 -4.02 -5.71
C GLU A 68 -33.57 -4.99 -6.67
N PHE A 69 -32.36 -4.65 -7.09
CA PHE A 69 -31.58 -5.48 -8.01
C PHE A 69 -30.26 -5.90 -7.37
N THR A 73 -22.73 -5.18 -11.10
CA THR A 73 -22.50 -4.55 -12.39
C THR A 73 -21.05 -4.10 -12.51
N LEU A 74 -20.13 -5.02 -12.27
CA LEU A 74 -18.71 -4.70 -12.36
C LEU A 74 -18.34 -4.41 -13.81
N HIS A 75 -17.61 -3.31 -14.02
CA HIS A 75 -17.16 -2.90 -15.35
C HIS A 75 -15.68 -3.23 -15.52
N ASP A 76 -15.25 -3.31 -16.77
CA ASP A 76 -13.86 -3.60 -17.07
C ASP A 76 -12.97 -2.47 -16.56
N ASP A 77 -11.86 -2.85 -15.93
CA ASP A 77 -10.93 -1.86 -15.40
C ASP A 77 -10.32 -1.03 -16.53
N ASP A 78 -10.34 0.29 -16.37
CA ASP A 78 -9.79 1.24 -17.34
C ASP A 78 -10.54 1.27 -18.66
N SER A 79 -11.71 0.65 -18.74
CA SER A 79 -12.49 0.61 -19.98
C SER A 79 -13.36 1.86 -20.04
N CYS A 80 -13.07 2.74 -21.00
CA CYS A 80 -13.87 3.94 -21.17
C CYS A 80 -15.31 3.57 -21.53
N GLN A 81 -16.26 4.28 -20.90
CA GLN A 81 -17.68 4.03 -21.10
C GLN A 81 -18.40 5.36 -21.31
N VAL A 82 -19.36 5.36 -22.23
CA VAL A 82 -20.28 6.48 -22.39
C VAL A 82 -21.43 6.25 -21.42
N ILE A 83 -21.48 7.05 -20.36
CA ILE A 83 -22.37 6.82 -19.22
C ILE A 83 -23.24 8.06 -19.03
N PRO A 84 -24.53 7.94 -18.72
CA PRO A 84 -25.33 9.15 -18.48
C PRO A 84 -24.87 9.89 -17.23
N VAL A 85 -25.04 11.22 -17.27
CA VAL A 85 -24.75 12.10 -16.15
C VAL A 85 -26.01 12.92 -15.89
N LEU A 86 -26.47 12.93 -14.64
CA LEU A 86 -27.71 13.62 -14.30
C LEU A 86 -27.42 15.08 -13.96
N PRO A 87 -28.37 16.01 -14.19
CA PRO A 87 -28.07 17.42 -13.95
C PRO A 87 -28.33 17.87 -12.52
N GLN A 88 -29.17 17.11 -11.80
CA GLN A 88 -29.61 17.53 -10.48
C GLN A 88 -28.61 17.22 -9.37
N VAL A 89 -27.50 16.54 -9.67
CA VAL A 89 -26.54 16.11 -8.67
C VAL A 89 -25.36 17.08 -8.69
N MET A 90 -25.30 17.94 -7.67
CA MET A 90 -24.18 18.85 -7.47
C MET A 90 -23.21 18.35 -6.40
N MET A 91 -23.48 17.21 -5.78
CA MET A 91 -22.64 16.68 -4.71
C MET A 91 -21.61 15.72 -5.28
N ILE A 92 -20.47 15.64 -4.60
CA ILE A 92 -19.37 14.76 -5.01
C ILE A 92 -19.59 13.41 -4.34
N LEU A 93 -19.87 12.39 -5.13
CA LEU A 93 -20.13 11.05 -4.64
C LEU A 93 -18.82 10.28 -4.54
N ILE A 94 -18.85 9.19 -3.77
CA ILE A 94 -17.71 8.31 -3.57
C ILE A 94 -18.16 6.89 -3.87
N PRO A 95 -17.30 5.99 -4.36
CA PRO A 95 -17.74 4.60 -4.53
C PRO A 95 -18.03 3.95 -3.18
N GLY A 96 -19.29 3.59 -2.98
CA GLY A 96 -19.76 2.99 -1.75
C GLY A 96 -20.69 3.87 -0.95
N GLN A 97 -20.61 5.18 -1.10
CA GLN A 97 -21.57 6.07 -0.46
C GLN A 97 -22.92 5.94 -1.17
N THR A 98 -23.97 5.72 -0.39
CA THR A 98 -25.30 5.59 -0.97
C THR A 98 -25.80 6.97 -1.40
N LEU A 99 -26.36 7.03 -2.60
CA LEU A 99 -27.00 8.23 -3.12
C LEU A 99 -28.45 7.93 -3.42
N PRO A 100 -29.42 8.48 -2.70
CA PRO A 100 -30.81 8.41 -3.16
C PRO A 100 -31.10 9.62 -4.03
N LEU A 101 -32.24 9.56 -4.72
CA LEU A 101 -32.53 10.55 -5.75
C LEU A 101 -34.02 10.66 -5.95
N GLN A 102 -34.46 11.87 -6.30
CA GLN A 102 -35.84 12.17 -6.68
C GLN A 102 -35.77 12.89 -8.02
N LEU A 103 -36.02 12.16 -9.11
CA LEU A 103 -35.94 12.69 -10.46
C LEU A 103 -37.36 12.76 -11.01
N PHE A 104 -37.86 13.98 -11.18
CA PHE A 104 -39.18 14.25 -11.70
C PHE A 104 -39.18 15.04 -13.00
N HIS A 105 -38.04 15.57 -13.41
CA HIS A 105 -37.96 16.22 -14.70
C HIS A 105 -38.20 15.18 -15.80
N PRO A 106 -38.91 15.54 -16.88
CA PRO A 106 -39.15 14.52 -17.93
C PRO A 106 -37.86 13.95 -18.52
N GLN A 107 -36.87 14.80 -18.79
CA GLN A 107 -35.61 14.31 -19.34
C GLN A 107 -34.93 13.36 -18.36
N GLU A 108 -34.91 13.72 -17.08
CA GLU A 108 -34.29 12.86 -16.07
C GLU A 108 -35.00 11.52 -15.98
N VAL A 109 -36.33 11.54 -15.99
CA VAL A 109 -37.10 10.30 -15.87
C VAL A 109 -36.83 9.40 -17.07
N SER A 110 -36.81 9.98 -18.27
CA SER A 110 -36.49 9.20 -19.46
C SER A 110 -35.08 8.63 -19.36
N MET A 111 -34.14 9.41 -18.82
CA MET A 111 -32.78 8.91 -18.64
C MET A 111 -32.74 7.72 -17.69
N VAL A 112 -33.50 7.78 -16.61
CA VAL A 112 -33.47 6.68 -15.64
C VAL A 112 -34.09 5.44 -16.27
N ARG A 113 -35.20 5.62 -17.00
CA ARG A 113 -35.83 4.48 -17.65
C ARG A 113 -34.89 3.84 -18.67
N ASN A 114 -34.18 4.66 -19.44
CA ASN A 114 -33.22 4.12 -20.39
C ASN A 114 -32.08 3.40 -19.67
N LEU A 115 -31.60 3.95 -18.56
CA LEU A 115 -30.50 3.34 -17.84
C LEU A 115 -30.90 2.00 -17.24
N ILE A 116 -32.06 1.94 -16.60
CA ILE A 116 -32.47 0.71 -15.94
C ILE A 116 -33.06 -0.31 -16.91
N GLN A 117 -33.46 0.12 -18.11
CA GLN A 117 -33.91 -0.83 -19.11
C GLN A 117 -32.81 -1.79 -19.51
N LYS A 118 -31.56 -1.35 -19.42
CA LYS A 118 -30.41 -2.20 -19.72
C LYS A 118 -30.34 -3.36 -18.72
N ARG A 120 -28.22 0.44 -16.16
CA ARG A 120 -28.60 0.89 -14.83
C ARG A 120 -27.62 1.93 -14.31
N THR A 121 -26.33 1.68 -14.54
CA THR A 121 -25.29 2.55 -14.01
C THR A 121 -25.39 3.95 -14.61
N PHE A 122 -25.26 4.96 -13.75
CA PHE A 122 -25.16 6.34 -14.19
C PHE A 122 -23.97 6.98 -13.50
N ALA A 123 -23.77 8.29 -13.68
CA ALA A 123 -22.56 8.97 -13.22
C ALA A 123 -22.90 10.25 -12.49
N VAL A 124 -21.97 10.64 -11.61
CA VAL A 124 -22.07 11.85 -10.80
C VAL A 124 -20.77 12.62 -10.93
N LEU A 125 -20.87 13.91 -11.21
CA LEU A 125 -19.74 14.82 -11.34
C LEU A 125 -19.66 15.73 -10.12
N ALA A 126 -18.55 16.45 -10.03
CA ALA A 126 -18.29 17.37 -8.92
C ALA A 126 -18.50 18.82 -9.33
N ALA A 135 -15.63 20.09 -13.47
CA ALA A 135 -15.97 18.67 -13.54
C ALA A 135 -14.77 17.84 -13.96
N GLN A 136 -13.81 17.68 -13.04
CA GLN A 136 -12.59 16.94 -13.34
C GLN A 136 -12.82 15.44 -13.27
N PHE A 137 -13.26 14.94 -12.11
CA PHE A 137 -13.47 13.53 -11.86
C PHE A 137 -14.89 13.30 -11.36
N GLY A 138 -15.24 12.02 -11.24
CA GLY A 138 -16.56 11.68 -10.76
C GLY A 138 -16.66 10.20 -10.49
N THR A 139 -17.90 9.75 -10.24
CA THR A 139 -18.14 8.35 -9.85
C THR A 139 -19.31 7.75 -10.59
N THR A 140 -19.15 6.48 -10.98
CA THR A 140 -20.23 5.67 -11.53
C THR A 140 -20.94 4.93 -10.41
N ALA A 141 -22.26 5.09 -10.36
CA ALA A 141 -23.11 4.46 -9.35
C ALA A 141 -24.16 3.60 -10.03
N GLU A 142 -24.36 2.39 -9.52
CA GLU A 142 -25.40 1.51 -9.99
C GLU A 142 -26.66 1.71 -9.16
N ILE A 143 -27.81 1.53 -9.80
CA ILE A 143 -29.10 1.76 -9.16
C ILE A 143 -29.49 0.49 -8.41
N TYR A 144 -29.62 0.62 -7.09
CA TYR A 144 -29.96 -0.50 -6.23
C TYR A 144 -31.44 -0.56 -5.87
N ALA A 145 -32.22 0.48 -6.17
CA ALA A 145 -33.64 0.48 -5.88
C ALA A 145 -34.34 1.44 -6.82
N TYR A 146 -35.49 1.02 -7.32
CA TYR A 146 -36.33 1.78 -8.24
C TYR A 146 -37.73 1.92 -7.70
N ARG A 147 -38.30 3.12 -7.83
CA ARG A 147 -39.72 3.34 -7.59
C ARG A 147 -40.18 4.41 -8.56
N GLU A 148 -41.41 4.26 -9.06
CA GLU A 148 -42.01 5.22 -9.97
C GLU A 148 -43.44 5.49 -9.54
N GLU A 149 -43.79 6.77 -9.41
CA GLU A 149 -45.13 7.19 -9.04
C GLU A 149 -45.64 8.19 -10.06
N GLN A 150 -46.93 8.07 -10.40
CA GLN A 150 -47.60 8.97 -11.32
C GLN A 150 -48.44 10.01 -10.61
N ASP A 151 -48.14 10.29 -9.34
CA ASP A 151 -48.94 11.23 -8.57
C ASP A 151 -48.79 12.64 -9.11
N PHE A 152 -49.85 13.44 -8.93
CA PHE A 152 -49.89 14.85 -9.32
C PHE A 152 -49.67 15.05 -10.81
N GLY A 153 -49.86 14.02 -11.63
CA GLY A 153 -49.59 14.14 -13.04
C GLY A 153 -48.12 14.20 -13.41
N ILE A 154 -47.22 13.93 -12.46
CA ILE A 154 -45.78 13.96 -12.67
C ILE A 154 -45.25 12.57 -12.41
N GLU A 155 -44.48 12.04 -13.36
CA GLU A 155 -43.90 10.70 -13.25
C GLU A 155 -42.62 10.78 -12.41
N ILE A 156 -42.82 10.99 -11.11
CA ILE A 156 -41.69 11.02 -10.19
C ILE A 156 -41.02 9.66 -10.16
N VAL A 157 -39.69 9.66 -10.13
CA VAL A 157 -38.89 8.44 -10.09
C VAL A 157 -37.96 8.58 -8.90
N LYS A 158 -38.12 7.72 -7.90
CA LYS A 158 -37.35 7.76 -6.67
C LYS A 158 -36.39 6.58 -6.67
N VAL A 159 -35.11 6.88 -6.51
CA VAL A 159 -34.01 5.95 -6.78
C VAL A 159 -33.14 5.86 -5.53
N LYS A 160 -32.47 4.72 -5.38
CA LYS A 160 -31.47 4.52 -4.31
C LYS A 160 -30.29 3.78 -4.92
N ALA A 161 -29.34 4.53 -5.48
CA ALA A 161 -28.14 3.98 -6.07
C ALA A 161 -27.01 4.01 -5.05
N ILE A 162 -25.92 3.32 -5.38
CA ILE A 162 -24.70 3.38 -4.59
C ILE A 162 -23.52 3.51 -5.55
N GLY A 163 -22.57 4.37 -5.20
CA GLY A 163 -21.36 4.50 -5.98
C GLY A 163 -20.63 3.16 -6.06
N ARG A 164 -20.26 2.76 -7.28
CA ARG A 164 -19.54 1.51 -7.49
C ARG A 164 -18.11 1.72 -7.97
N GLN A 165 -17.89 2.59 -8.96
CA GLN A 165 -16.55 2.79 -9.51
C GLN A 165 -16.31 4.28 -9.69
N ARG A 166 -15.11 4.61 -10.14
CA ARG A 166 -14.61 5.98 -10.25
C ARG A 166 -14.35 6.30 -11.72
N PHE A 167 -14.12 7.58 -12.01
CA PHE A 167 -13.71 7.95 -13.35
C PHE A 167 -13.10 9.35 -13.34
N LYS A 168 -12.36 9.64 -14.40
CA LYS A 168 -11.93 10.99 -14.76
C LYS A 168 -12.70 11.44 -15.99
N VAL A 169 -13.04 12.72 -16.02
CA VAL A 169 -13.86 13.26 -17.10
C VAL A 169 -12.99 13.52 -18.32
N LEU A 170 -13.39 12.96 -19.46
CA LEU A 170 -12.73 13.20 -20.74
C LEU A 170 -13.52 14.09 -21.68
N GLU A 171 -14.86 13.97 -21.67
CA GLU A 171 -15.70 14.79 -22.53
C GLU A 171 -17.06 14.93 -21.89
N LEU A 172 -17.80 15.95 -22.33
CA LEU A 172 -19.13 16.27 -21.80
C LEU A 172 -20.08 16.42 -22.98
N ARG A 173 -20.84 15.37 -23.27
CA ARG A 173 -21.84 15.40 -24.33
C ARG A 173 -23.18 15.84 -23.78
N THR A 174 -24.04 16.33 -24.67
CA THR A 174 -25.32 16.91 -24.29
C THR A 174 -26.42 16.31 -25.17
N GLN A 175 -27.57 16.03 -24.57
CA GLN A 175 -28.72 15.49 -25.26
C GLN A 175 -29.86 16.51 -25.29
N ILE A 179 -29.29 16.75 -19.50
CA ILE A 179 -29.00 15.32 -19.52
C ILE A 179 -27.74 15.08 -20.34
N GLN A 180 -26.62 14.89 -19.64
CA GLN A 180 -25.34 14.66 -20.28
C GLN A 180 -25.07 13.16 -20.39
N GLN A 181 -24.20 12.83 -21.35
CA GLN A 181 -23.73 11.47 -21.61
C GLN A 181 -22.21 11.48 -21.67
N ALA A 182 -21.59 12.05 -20.62
CA ALA A 182 -20.17 12.36 -20.62
C ALA A 182 -19.31 11.12 -20.87
N LYS A 183 -18.33 11.27 -21.76
CA LYS A 183 -17.36 10.22 -22.02
C LYS A 183 -16.31 10.24 -20.93
N VAL A 184 -16.18 9.13 -20.21
CA VAL A 184 -15.39 9.06 -18.99
C VAL A 184 -14.57 7.78 -18.98
N GLN A 185 -13.33 7.88 -18.50
CA GLN A 185 -12.44 6.74 -18.35
C GLN A 185 -12.45 6.29 -16.90
N ILE A 186 -12.73 5.02 -16.68
CA ILE A 186 -12.80 4.49 -15.32
C ILE A 186 -11.40 4.42 -14.74
N LEU A 187 -11.23 4.96 -13.54
CA LEU A 187 -9.96 4.85 -12.83
C LEU A 187 -9.89 3.50 -12.13
N PRO A 188 -8.89 2.66 -12.39
CA PRO A 188 -8.85 1.36 -11.71
C PRO A 188 -8.51 1.50 -10.24
N GLU A 189 -8.91 0.51 -9.47
CA GLU A 189 -8.59 0.44 -8.04
C GLU A 189 -7.13 0.00 -7.93
N CYS A 190 -6.23 0.99 -7.83
CA CYS A 190 -4.79 0.71 -7.81
C CYS A 190 -4.42 0.15 -6.45
N VAL A 191 -4.78 -1.11 -6.23
CA VAL A 191 -4.47 -1.81 -5.00
C VAL A 191 -3.00 -2.22 -5.02
N LEU A 192 -2.28 -1.93 -3.92
CA LEU A 192 -0.90 -2.36 -3.75
C LEU A 192 -0.83 -3.60 -2.86
N PRO A 193 0.16 -4.47 -3.04
CA PRO A 193 0.29 -5.61 -2.13
C PRO A 193 0.87 -5.17 -0.79
N SER A 194 1.12 -6.12 0.09
CA SER A 194 1.74 -5.80 1.37
C SER A 194 3.11 -5.15 1.14
N THR A 195 3.40 -4.11 1.92
CA THR A 195 4.65 -3.39 1.76
C THR A 195 5.85 -4.29 2.04
N MET A 196 5.68 -5.32 2.87
CA MET A 196 6.74 -6.27 3.18
C MET A 196 6.76 -7.45 2.23
N SER A 197 5.85 -7.51 1.24
CA SER A 197 5.87 -8.60 0.28
C SER A 197 7.16 -8.63 -0.53
N ALA A 198 7.86 -7.50 -0.64
CA ALA A 198 9.12 -7.47 -1.37
C ALA A 198 10.24 -8.07 -0.54
N VAL A 199 10.55 -7.46 0.60
CA VAL A 199 11.71 -7.85 1.40
C VAL A 199 11.38 -9.00 2.36
N GLN A 200 10.21 -9.60 2.22
CA GLN A 200 9.85 -10.71 3.09
C GLN A 200 10.79 -11.89 2.85
N LEU A 201 11.36 -12.41 3.94
CA LEU A 201 12.21 -13.58 3.86
C LEU A 201 11.35 -14.84 3.75
N GLU A 202 11.84 -15.80 2.97
CA GLU A 202 11.09 -17.04 2.78
C GLU A 202 10.87 -17.77 4.10
N SER A 203 11.82 -17.66 5.03
CA SER A 203 11.63 -18.27 6.35
C SER A 203 10.57 -17.53 7.15
N LEU A 204 10.60 -16.20 7.12
CA LEU A 204 9.70 -15.39 7.94
C LEU A 204 8.31 -15.24 7.35
N ASN A 205 8.10 -15.70 6.11
CA ASN A 205 6.79 -15.59 5.49
C ASN A 205 5.72 -16.31 6.31
N LYS A 206 6.09 -17.39 6.99
CA LYS A 206 5.15 -18.12 7.83
C LYS A 206 4.69 -17.31 9.03
N CYS A 207 5.45 -16.29 9.43
CA CYS A 207 5.15 -15.52 10.64
C CYS A 207 4.31 -14.28 10.38
N GLN A 208 3.90 -14.03 9.15
CA GLN A 208 3.22 -12.79 8.79
C GLN A 208 1.71 -12.83 9.00
N ILE A 209 1.14 -13.98 9.35
CA ILE A 209 -0.27 -14.09 9.72
C ILE A 209 -0.37 -14.08 11.23
N PHE A 210 -1.36 -13.37 11.76
CA PHE A 210 -1.54 -13.11 13.16
C PHE A 210 -2.84 -13.72 13.66
N PRO A 211 -2.95 -14.08 14.93
CA PRO A 211 -4.26 -14.46 15.48
C PRO A 211 -5.23 -13.28 15.39
N SER A 212 -6.50 -13.57 15.63
CA SER A 212 -7.51 -12.52 15.63
C SER A 212 -7.19 -11.49 16.70
N LYS A 213 -7.41 -10.23 16.37
CA LYS A 213 -7.03 -9.14 17.26
C LYS A 213 -7.86 -9.22 18.54
N PRO A 214 -7.25 -9.39 19.73
CA PRO A 214 -8.09 -9.46 20.93
C PRO A 214 -8.42 -8.09 21.50
N SER A 222 -4.55 -3.63 23.11
CA SER A 222 -4.56 -2.58 22.11
C SER A 222 -3.14 -2.20 21.69
N TYR A 223 -2.46 -1.44 22.54
CA TYR A 223 -1.10 -1.00 22.22
C TYR A 223 -0.15 -2.20 22.09
N LYS A 224 -0.25 -3.16 23.01
CA LYS A 224 0.63 -4.32 22.96
C LYS A 224 0.38 -5.14 21.68
N TRP A 225 -0.88 -5.27 21.28
CA TRP A 225 -1.18 -6.02 20.07
C TRP A 225 -0.52 -5.40 18.85
N TRP A 226 -0.60 -4.07 18.72
CA TRP A 226 -0.01 -3.44 17.56
C TRP A 226 1.50 -3.36 17.65
N GLN A 227 2.06 -3.32 18.87
CA GLN A 227 3.50 -3.47 19.01
C GLN A 227 3.95 -4.84 18.49
N LYS A 228 3.21 -5.89 18.84
CA LYS A 228 3.53 -7.21 18.30
C LYS A 228 3.34 -7.23 16.79
N TYR A 229 2.30 -6.56 16.29
CA TYR A 229 2.06 -6.46 14.86
C TYR A 229 3.26 -5.85 14.15
N GLN A 230 3.79 -4.74 14.68
CA GLN A 230 4.98 -4.15 14.09
C GLN A 230 6.16 -5.10 14.18
N LYS A 231 6.45 -5.59 15.39
CA LYS A 231 7.67 -6.37 15.61
C LYS A 231 7.67 -7.68 14.85
N ARG A 232 6.52 -8.15 14.38
CA ARG A 232 6.42 -9.36 13.57
C ARG A 232 6.28 -9.09 12.08
N LYS A 233 5.28 -8.29 11.70
CA LYS A 233 5.04 -8.03 10.28
C LYS A 233 6.24 -7.34 9.64
N PHE A 234 6.73 -6.27 10.26
CA PHE A 234 7.82 -5.47 9.71
C PHE A 234 9.17 -5.83 10.30
N HIS A 235 9.33 -7.05 10.82
CA HIS A 235 10.65 -7.47 11.26
C HIS A 235 11.63 -7.48 10.09
N CYS A 236 11.13 -7.70 8.88
CA CYS A 236 11.93 -7.60 7.67
C CYS A 236 12.13 -6.15 7.22
N ALA A 237 11.69 -5.16 8.00
CA ALA A 237 12.02 -3.78 7.74
C ALA A 237 13.40 -3.41 8.23
N ASN A 238 14.11 -4.34 8.87
CA ASN A 238 15.55 -4.17 9.10
C ASN A 238 16.36 -4.49 7.85
N LEU A 239 15.82 -5.32 6.94
CA LEU A 239 16.47 -5.53 5.66
C LEU A 239 16.51 -4.23 4.87
N THR A 240 15.35 -3.57 4.78
CA THR A 240 15.27 -2.32 4.05
C THR A 240 15.88 -1.19 4.88
N SER A 241 15.94 0.00 4.29
CA SER A 241 16.64 1.13 4.87
C SER A 241 15.72 2.04 5.67
N TRP A 242 14.67 1.50 6.29
CA TRP A 242 13.65 2.32 6.92
C TRP A 242 13.16 1.61 8.18
N PRO A 243 12.59 2.35 9.13
CA PRO A 243 12.13 1.73 10.38
C PRO A 243 10.81 1.00 10.21
N ARG A 244 10.46 0.29 11.27
CA ARG A 244 9.18 -0.42 11.30
C ARG A 244 8.02 0.55 11.26
N TRP A 245 8.08 1.60 12.08
CA TRP A 245 6.96 2.51 12.18
C TRP A 245 6.70 3.25 10.88
N LEU A 246 7.71 3.41 10.02
CA LEU A 246 7.46 4.01 8.71
C LEU A 246 6.53 3.13 7.89
N TYR A 247 6.82 1.84 7.80
CA TYR A 247 5.93 0.95 7.09
C TYR A 247 4.58 0.88 7.77
N SER A 248 4.55 1.07 9.10
CA SER A 248 3.27 1.17 9.79
C SER A 248 2.49 2.38 9.30
N LEU A 249 3.17 3.51 9.08
CA LEU A 249 2.50 4.66 8.49
C LEU A 249 1.96 4.31 7.10
N TYR A 250 2.75 3.58 6.32
CA TYR A 250 2.31 3.11 5.00
C TYR A 250 1.66 1.74 5.03
N ASP A 251 1.47 1.14 6.20
CA ASP A 251 0.72 -0.11 6.29
C ASP A 251 -0.76 0.17 6.10
N ALA A 252 -1.43 -0.76 5.42
CA ALA A 252 -2.89 -0.69 5.34
C ALA A 252 -3.51 -0.83 6.72
N GLU A 253 -3.26 -1.97 7.39
CA GLU A 253 -3.98 -2.30 8.61
C GLU A 253 -3.68 -1.34 9.75
N THR A 254 -2.47 -0.81 9.85
CA THR A 254 -2.21 0.18 10.87
C THR A 254 -3.01 1.44 10.60
N LEU A 255 -3.17 1.81 9.34
CA LEU A 255 -4.00 2.96 9.01
C LEU A 255 -5.47 2.68 9.31
N MET A 256 -5.94 1.46 9.00
CA MET A 256 -7.26 1.02 9.45
C MET A 256 -7.44 1.29 10.94
N ASP A 257 -6.51 0.81 11.75
CA ASP A 257 -6.63 0.95 13.20
C ASP A 257 -6.60 2.41 13.62
N ARG A 258 -5.71 3.21 13.03
CA ARG A 258 -5.59 4.61 13.44
C ARG A 258 -6.84 5.40 13.11
N ILE A 259 -7.38 5.21 11.90
CA ILE A 259 -8.61 5.91 11.53
C ILE A 259 -9.77 5.42 12.38
N LYS A 260 -9.83 4.13 12.70
CA LYS A 260 -10.90 3.67 13.57
C LYS A 260 -10.80 4.29 14.96
N LYS A 261 -9.58 4.38 15.50
CA LYS A 261 -9.40 4.97 16.82
C LYS A 261 -9.83 6.43 16.82
N GLN A 262 -9.40 7.20 15.82
CA GLN A 262 -9.76 8.60 15.78
C GLN A 262 -11.22 8.82 15.40
N LEU A 263 -11.87 7.83 14.79
CA LEU A 263 -13.30 7.93 14.51
C LEU A 263 -14.12 7.66 15.77
N ARG A 264 -13.76 6.62 16.52
CA ARG A 264 -14.43 6.35 17.78
C ARG A 264 -14.11 7.41 18.82
N GLU A 265 -13.01 8.15 18.66
CA GLU A 265 -12.75 9.28 19.54
C GLU A 265 -13.83 10.34 19.40
N TRP A 266 -14.26 10.61 18.18
CA TRP A 266 -15.31 11.59 17.92
C TRP A 266 -16.69 10.93 17.99
N LEU A 275 -17.51 -1.20 10.18
CA LEU A 275 -16.83 -0.73 8.97
C LEU A 275 -16.15 -1.90 8.28
N PRO A 276 -16.04 -1.88 6.95
CA PRO A 276 -15.52 -3.05 6.25
C PRO A 276 -14.03 -3.25 6.51
N SER A 277 -13.62 -4.52 6.44
CA SER A 277 -12.20 -4.86 6.61
C SER A 277 -11.37 -4.56 5.37
N ASN A 278 -12.00 -4.38 4.21
CA ASN A 278 -11.24 -4.15 2.99
C ASN A 278 -10.68 -2.73 3.07
N PRO A 279 -9.38 -2.51 2.80
CA PRO A 279 -8.87 -1.12 2.82
C PRO A 279 -9.55 -0.20 1.82
N ILE A 280 -9.92 -0.70 0.64
CA ILE A 280 -10.51 0.17 -0.37
C ILE A 280 -11.89 0.62 0.05
N ASP A 281 -12.75 -0.34 0.40
CA ASP A 281 -14.11 -0.01 0.79
C ASP A 281 -14.15 0.83 2.04
N PHE A 282 -13.32 0.50 3.03
CA PHE A 282 -13.26 1.33 4.23
C PHE A 282 -12.74 2.71 3.91
N SER A 283 -11.76 2.81 3.01
CA SER A 283 -11.21 4.11 2.68
C SER A 283 -12.28 5.00 2.07
N TYR A 284 -13.06 4.47 1.14
CA TYR A 284 -14.15 5.23 0.57
C TYR A 284 -15.21 5.55 1.62
N ARG A 285 -15.48 4.60 2.51
CA ARG A 285 -16.47 4.83 3.57
C ARG A 285 -16.06 6.01 4.44
N VAL A 286 -14.83 5.98 4.96
CA VAL A 286 -14.42 7.06 5.84
C VAL A 286 -14.18 8.35 5.06
N ALA A 287 -13.90 8.26 3.76
CA ALA A 287 -13.89 9.48 2.94
C ALA A 287 -15.27 10.11 2.93
N ALA A 288 -16.31 9.29 2.84
CA ALA A 288 -17.67 9.80 3.00
C ALA A 288 -17.86 10.38 4.39
N CYS A 289 -17.34 9.71 5.42
CA CYS A 289 -17.56 10.13 6.80
C CYS A 289 -17.03 11.53 7.06
N LEU A 290 -15.89 11.87 6.47
CA LEU A 290 -15.19 13.09 6.88
C LEU A 290 -15.98 14.33 6.48
N PRO A 291 -16.15 15.33 7.37
CA PRO A 291 -16.78 16.61 6.97
C PRO A 291 -15.79 17.60 6.40
N ILE A 292 -15.45 17.42 5.12
CA ILE A 292 -14.32 18.09 4.48
C ILE A 292 -14.82 18.98 3.35
N ASP A 293 -13.90 19.78 2.82
CA ASP A 293 -14.22 20.67 1.72
C ASP A 293 -14.51 19.87 0.46
N ASP A 294 -15.17 20.54 -0.50
CA ASP A 294 -15.36 19.93 -1.81
C ASP A 294 -14.01 19.70 -2.48
N VAL A 295 -13.07 20.65 -2.34
CA VAL A 295 -11.76 20.50 -2.96
C VAL A 295 -11.03 19.30 -2.36
N LEU A 296 -11.09 19.14 -1.04
CA LEU A 296 -10.44 17.99 -0.42
C LEU A 296 -11.09 16.69 -0.84
N ARG A 297 -12.41 16.70 -1.05
CA ARG A 297 -13.09 15.46 -1.37
C ARG A 297 -12.81 15.04 -2.82
N ILE A 298 -12.79 16.00 -3.75
CA ILE A 298 -12.39 15.65 -5.10
C ILE A 298 -10.92 15.28 -5.12
N GLN A 299 -10.10 15.86 -4.23
CA GLN A 299 -8.72 15.43 -4.12
C GLN A 299 -8.64 13.95 -3.74
N LEU A 300 -9.40 13.56 -2.72
CA LEU A 300 -9.43 12.15 -2.31
C LEU A 300 -9.91 11.26 -3.44
N LEU A 301 -10.92 11.73 -4.20
CA LEU A 301 -11.36 10.97 -5.36
C LEU A 301 -10.23 10.82 -6.37
N LYS A 302 -9.42 11.87 -6.55
CA LYS A 302 -8.30 11.80 -7.47
C LYS A 302 -7.30 10.72 -7.08
N ILE A 303 -7.18 10.44 -5.78
CA ILE A 303 -6.27 9.41 -5.33
C ILE A 303 -6.73 8.05 -5.83
N GLY A 304 -5.77 7.23 -6.25
CA GLY A 304 -6.06 5.91 -6.78
C GLY A 304 -5.91 4.80 -5.75
N SER A 305 -4.78 4.78 -5.06
CA SER A 305 -4.46 3.68 -4.15
C SER A 305 -5.07 3.90 -2.78
N ALA A 306 -5.36 2.80 -2.10
CA ALA A 306 -6.00 2.87 -0.79
C ALA A 306 -5.10 3.56 0.24
N ILE A 307 -3.80 3.25 0.21
CA ILE A 307 -2.91 3.74 1.26
C ILE A 307 -2.73 5.25 1.17
N GLN A 308 -2.54 5.78 -0.04
CA GLN A 308 -2.51 7.22 -0.21
C GLN A 308 -3.77 7.88 0.32
N ARG A 309 -4.93 7.31 -0.01
CA ARG A 309 -6.18 7.90 0.43
C ARG A 309 -6.25 7.91 1.95
N LEU A 310 -6.04 6.74 2.57
CA LEU A 310 -6.13 6.62 4.03
C LEU A 310 -5.17 7.57 4.73
N ARG A 311 -3.95 7.70 4.21
CA ARG A 311 -3.01 8.67 4.78
C ARG A 311 -3.54 10.08 4.66
N CYS A 312 -4.11 10.43 3.50
CA CYS A 312 -4.66 11.77 3.34
C CYS A 312 -5.81 12.00 4.29
N GLU A 313 -6.68 11.00 4.49
CA GLU A 313 -7.81 11.18 5.39
C GLU A 313 -7.31 11.35 6.81
N LEU A 314 -6.30 10.58 7.22
CA LEU A 314 -5.76 10.74 8.57
C LEU A 314 -5.18 12.12 8.76
N ASP A 315 -4.45 12.61 7.76
CA ASP A 315 -3.90 13.96 7.84
C ASP A 315 -5.01 15.00 7.94
N ILE A 316 -6.11 14.79 7.20
CA ILE A 316 -7.21 15.74 7.22
C ILE A 316 -7.90 15.74 8.58
N MET A 317 -8.16 14.54 9.12
CA MET A 317 -8.81 14.45 10.42
C MET A 317 -7.96 15.05 11.52
N ASN A 318 -6.63 14.86 11.45
CA ASN A 318 -5.77 15.56 12.39
C ASN A 318 -5.84 17.06 12.17
N LYS A 319 -5.94 17.49 10.91
CA LYS A 319 -5.99 18.91 10.60
C LYS A 319 -7.35 19.52 10.94
N CYS A 320 -8.43 18.82 10.67
CA CYS A 320 -9.76 19.37 10.88
C CYS A 320 -10.02 19.59 12.36
N THR A 321 -10.66 20.72 12.68
CA THR A 321 -10.96 21.11 14.06
C THR A 321 -12.41 21.48 14.28
N SER A 322 -13.04 22.17 13.32
CA SER A 322 -14.39 22.68 13.53
C SER A 322 -14.99 23.03 12.18
N LEU A 323 -16.29 23.32 12.20
CA LEU A 323 -17.06 23.63 10.99
C LEU A 323 -17.76 24.97 11.18
N CYS A 324 -17.57 25.88 10.23
CA CYS A 324 -18.16 27.21 10.23
C CYS A 324 -19.04 27.37 9.00
N CYS A 325 -20.01 28.29 9.10
CA CYS A 325 -20.85 28.58 7.96
C CYS A 325 -20.02 29.17 6.83
N LYS A 326 -20.33 28.77 5.60
CA LYS A 326 -19.63 29.31 4.45
C LYS A 326 -19.86 30.81 4.32
N GLN A 327 -21.10 31.25 4.58
CA GLN A 327 -21.40 32.68 4.48
C GLN A 327 -20.76 33.47 5.62
N CYS A 328 -20.57 32.85 6.79
CA CYS A 328 -19.89 33.49 7.90
C CYS A 328 -18.38 33.39 7.77
N GLN A 329 -17.87 32.18 7.59
CA GLN A 329 -16.43 31.94 7.45
C GLN A 329 -15.69 32.39 8.71
N GLU A 332 -18.57 29.41 14.11
CA GLU A 332 -18.35 28.06 14.61
C GLU A 332 -19.67 27.41 14.96
N ILE A 333 -20.36 26.89 13.93
CA ILE A 333 -21.63 26.22 14.14
C ILE A 333 -21.43 24.95 14.95
N THR A 334 -20.39 24.18 14.64
CA THR A 334 -20.19 22.88 15.24
C THR A 334 -18.71 22.52 15.21
N THR A 335 -18.28 21.80 16.24
CA THR A 335 -16.90 21.33 16.40
C THR A 335 -16.78 19.87 16.02
N LYS A 336 -15.54 19.46 15.73
CA LYS A 336 -15.29 18.12 15.21
C LYS A 336 -15.64 17.04 16.23
N ASN A 337 -15.23 17.23 17.48
CA ASN A 337 -15.39 16.17 18.47
C ASN A 337 -16.86 15.86 18.75
N GLU A 338 -17.74 16.85 18.58
CA GLU A 338 -19.16 16.62 18.81
C GLU A 338 -19.79 15.69 17.79
N ILE A 339 -19.12 15.42 16.67
CA ILE A 339 -19.70 14.62 15.61
C ILE A 339 -19.98 13.21 16.10
N PHE A 340 -21.11 12.65 15.67
CA PHE A 340 -21.45 11.26 15.96
C PHE A 340 -22.22 10.69 14.79
N SER A 341 -22.24 9.37 14.70
CA SER A 341 -22.84 8.65 13.58
C SER A 341 -24.12 7.97 14.04
N LEU A 342 -25.24 8.35 13.42
CA LEU A 342 -26.52 7.69 13.61
C LEU A 342 -26.84 6.72 12.48
N SER A 343 -25.94 6.54 11.52
CA SER A 343 -26.19 5.68 10.37
C SER A 343 -24.94 4.83 10.11
N LEU A 344 -25.16 3.66 9.50
CA LEU A 344 -24.03 2.81 9.13
C LEU A 344 -23.15 3.49 8.09
N CYS A 345 -23.73 4.32 7.24
CA CYS A 345 -22.96 5.02 6.23
C CYS A 345 -21.94 5.97 6.85
N GLY A 346 -22.18 6.44 8.07
CA GLY A 346 -21.23 7.25 8.79
C GLY A 346 -21.88 8.45 9.44
N PRO A 347 -21.04 9.38 9.92
CA PRO A 347 -21.60 10.63 10.45
C PRO A 347 -22.42 11.42 9.47
N MET A 348 -22.11 11.29 8.17
CA MET A 348 -22.82 12.01 7.12
C MET A 348 -23.25 11.05 6.02
N ALA A 349 -24.34 11.43 5.36
CA ALA A 349 -24.85 10.65 4.25
C ALA A 349 -25.67 11.56 3.34
N ALA A 350 -25.87 11.09 2.11
CA ALA A 350 -26.68 11.83 1.15
C ALA A 350 -28.15 11.52 1.38
N TYR A 351 -28.96 12.55 1.57
CA TYR A 351 -30.38 12.42 1.81
C TYR A 351 -31.13 13.37 0.90
N VAL A 352 -32.33 12.97 0.49
CA VAL A 352 -33.07 13.63 -0.58
C VAL A 352 -34.14 14.52 0.02
N ASN A 353 -34.16 15.77 -0.42
CA ASN A 353 -35.22 16.70 -0.08
C ASN A 353 -36.53 16.13 -0.63
N PRO A 354 -37.68 16.43 -0.02
CA PRO A 354 -38.92 15.78 -0.49
C PRO A 354 -39.32 16.16 -1.89
N HIS A 355 -38.71 17.18 -2.47
CA HIS A 355 -39.05 17.61 -3.82
C HIS A 355 -37.73 17.84 -4.57
N GLY A 356 -36.89 16.81 -4.55
CA GLY A 356 -35.82 16.67 -5.52
C GLY A 356 -34.39 16.81 -5.04
N TYR A 357 -34.11 17.81 -4.21
CA TYR A 357 -32.73 18.17 -3.92
C TYR A 357 -32.05 17.14 -3.03
N VAL A 358 -30.72 17.12 -3.08
CA VAL A 358 -29.89 16.22 -2.30
C VAL A 358 -29.00 17.05 -1.38
N HIS A 359 -28.88 16.62 -0.13
CA HIS A 359 -28.00 17.23 0.85
C HIS A 359 -27.12 16.16 1.45
N GLU A 360 -25.80 16.42 1.49
CA GLU A 360 -24.87 15.56 2.20
C GLU A 360 -24.91 15.98 3.66
N THR A 361 -25.93 15.50 4.37
CA THR A 361 -26.18 15.95 5.73
C THR A 361 -25.30 15.16 6.69
N LEU A 362 -24.70 15.88 7.64
CA LEU A 362 -23.79 15.35 8.64
C LEU A 362 -24.51 15.36 9.97
N THR A 363 -24.70 14.17 10.55
CA THR A 363 -25.30 14.06 11.87
C THR A 363 -24.29 14.47 12.94
N VAL A 364 -24.79 15.14 13.97
CA VAL A 364 -23.92 15.62 15.04
C VAL A 364 -24.76 15.80 16.30
N TYR A 365 -24.15 15.58 17.46
CA TYR A 365 -24.83 15.65 18.73
C TYR A 365 -24.85 17.05 19.34
N LYS A 366 -24.13 18.01 18.76
CA LYS A 366 -24.06 19.36 19.33
C LYS A 366 -23.81 20.37 18.21
N ALA A 367 -24.64 21.40 18.16
CA ALA A 367 -24.47 22.49 17.21
C ALA A 367 -24.95 23.77 17.87
N CYS A 368 -24.15 24.83 17.74
CA CYS A 368 -24.36 26.08 18.45
C CYS A 368 -24.59 27.23 17.47
N ASN A 369 -25.18 28.30 18.00
CA ASN A 369 -25.41 29.53 17.23
C ASN A 369 -26.36 29.30 16.06
N LEU A 370 -27.37 28.44 16.28
CA LEU A 370 -28.33 28.06 15.26
C LEU A 370 -29.73 28.51 15.69
N ASN A 371 -30.25 29.54 15.04
CA ASN A 371 -31.64 29.89 15.19
C ASN A 371 -32.51 28.86 14.47
N LEU A 372 -33.62 28.49 15.10
CA LEU A 372 -34.50 27.43 14.63
C LEU A 372 -35.78 28.02 14.07
N ILE A 373 -36.21 27.50 12.92
CA ILE A 373 -37.45 27.92 12.28
C ILE A 373 -38.26 26.67 11.95
N GLY A 374 -39.55 26.71 12.25
CA GLY A 374 -40.46 25.62 11.94
C GLY A 374 -40.68 24.71 13.13
N ARG A 375 -41.93 24.28 13.31
CA ARG A 375 -42.25 23.34 14.36
C ARG A 375 -41.69 21.97 14.01
N PRO A 376 -41.55 21.07 15.00
CA PRO A 376 -41.05 19.73 14.69
C PRO A 376 -42.07 18.97 13.84
N SER A 377 -41.64 18.59 12.64
CA SER A 377 -42.47 17.87 11.68
C SER A 377 -41.80 16.57 11.31
N THR A 378 -42.59 15.50 11.26
CA THR A 378 -42.10 14.19 10.83
C THR A 378 -42.32 13.94 9.35
N GLU A 379 -42.80 14.94 8.60
CA GLU A 379 -43.11 14.76 7.19
C GLU A 379 -41.82 14.50 6.42
N HIS A 380 -41.71 13.29 5.85
CA HIS A 380 -40.56 12.92 5.04
C HIS A 380 -39.26 13.01 5.82
N SER A 381 -39.29 12.68 7.11
CA SER A 381 -38.08 12.73 7.91
C SER A 381 -37.06 11.74 7.40
N TRP A 382 -35.82 12.20 7.22
CA TRP A 382 -34.76 11.31 6.77
C TRP A 382 -34.50 10.22 7.81
N PHE A 383 -34.57 10.58 9.08
CA PHE A 383 -34.34 9.65 10.18
C PHE A 383 -35.68 9.22 10.75
N PRO A 384 -36.12 7.97 10.57
CA PRO A 384 -37.42 7.57 11.13
C PRO A 384 -37.48 7.75 12.64
N GLY A 385 -38.63 8.21 13.12
CA GLY A 385 -38.79 8.48 14.53
C GLY A 385 -38.24 9.80 15.00
N TYR A 386 -37.97 10.74 14.09
CA TYR A 386 -37.47 12.05 14.44
C TYR A 386 -38.23 13.11 13.65
N ALA A 387 -38.30 14.30 14.22
CA ALA A 387 -39.02 15.43 13.63
C ALA A 387 -38.04 16.56 13.35
N TRP A 388 -38.06 17.06 12.12
CA TRP A 388 -37.07 18.01 11.66
C TRP A 388 -37.51 19.45 11.93
N THR A 389 -36.54 20.36 11.85
CA THR A 389 -36.76 21.77 12.12
C THR A 389 -35.57 22.55 11.57
N VAL A 390 -35.84 23.56 10.73
CA VAL A 390 -34.77 24.23 10.00
C VAL A 390 -33.85 24.94 10.99
N ALA A 391 -32.53 24.89 10.71
CA ALA A 391 -31.52 25.54 11.53
C ALA A 391 -30.63 26.42 10.65
N GLN A 392 -30.64 27.71 10.94
CA GLN A 392 -29.82 28.68 10.23
C GLN A 392 -28.94 29.42 11.23
N CYS A 393 -27.69 29.67 10.85
CA CYS A 393 -26.79 30.41 11.72
C CYS A 393 -27.34 31.81 11.97
N LYS A 394 -27.37 32.20 13.24
CA LYS A 394 -27.96 33.47 13.62
C LYS A 394 -27.14 34.68 13.15
N ILE A 395 -25.91 34.47 12.68
CA ILE A 395 -25.08 35.59 12.28
C ILE A 395 -25.60 36.20 10.98
N CYS A 396 -25.60 35.41 9.91
CA CYS A 396 -26.07 35.83 8.59
C CYS A 396 -27.37 35.16 8.18
N ALA A 397 -28.04 34.45 9.10
CA ALA A 397 -29.34 33.84 8.85
C ALA A 397 -29.31 32.79 7.74
N SER A 398 -28.13 32.30 7.38
CA SER A 398 -28.02 31.30 6.32
C SER A 398 -28.36 29.93 6.86
N HIS A 399 -29.31 29.26 6.21
CA HIS A 399 -29.61 27.87 6.50
C HIS A 399 -28.37 27.01 6.37
N ILE A 400 -28.04 26.26 7.42
CA ILE A 400 -26.92 25.31 7.35
C ILE A 400 -27.26 23.95 7.91
N GLY A 401 -28.47 23.73 8.40
CA GLY A 401 -28.83 22.40 8.86
C GLY A 401 -30.23 22.38 9.43
N TRP A 402 -30.52 21.29 10.12
CA TRP A 402 -31.81 21.09 10.76
C TRP A 402 -31.59 20.51 12.14
N LYS A 403 -32.56 20.73 13.03
CA LYS A 403 -32.60 20.08 14.33
C LYS A 403 -33.61 18.93 14.26
N PHE A 404 -33.21 17.77 14.78
CA PHE A 404 -34.03 16.57 14.78
C PHE A 404 -34.34 16.21 16.22
N THR A 405 -35.63 16.14 16.55
CA THR A 405 -36.11 15.82 17.88
C THR A 405 -36.90 14.52 17.79
N ALA A 406 -36.58 13.57 18.67
CA ALA A 406 -37.26 12.29 18.65
C ALA A 406 -38.73 12.45 19.00
N THR A 407 -39.58 11.72 18.28
CA THR A 407 -41.01 11.74 18.59
C THR A 407 -41.29 11.10 19.94
N LYS A 408 -40.46 10.17 20.37
CA LYS A 408 -40.60 9.48 21.65
C LYS A 408 -39.34 9.66 22.47
N LYS A 409 -39.50 9.78 23.78
CA LYS A 409 -38.34 9.97 24.66
C LYS A 409 -37.43 8.75 24.69
N ASP A 410 -37.95 7.56 24.37
CA ASP A 410 -37.13 6.34 24.41
C ASP A 410 -36.10 6.29 23.29
N MET A 411 -36.22 7.15 22.28
CA MET A 411 -35.27 7.11 21.17
C MET A 411 -33.88 7.52 21.63
N SER A 412 -32.88 6.77 21.17
CA SER A 412 -31.48 7.00 21.53
C SER A 412 -30.74 7.57 20.32
N PRO A 413 -30.29 8.85 20.34
CA PRO A 413 -30.42 9.90 21.35
C PRO A 413 -31.77 10.61 21.29
N GLN A 414 -32.08 11.44 22.28
CA GLN A 414 -33.34 12.18 22.27
C GLN A 414 -33.39 13.16 21.10
N LYS A 415 -32.29 13.85 20.83
CA LYS A 415 -32.26 14.86 19.78
C LYS A 415 -30.84 15.01 19.25
N PHE A 416 -30.74 15.54 18.04
CA PHE A 416 -29.44 15.78 17.41
C PHE A 416 -29.64 16.81 16.29
N TRP A 417 -28.61 16.99 15.46
CA TRP A 417 -28.64 17.96 14.39
C TRP A 417 -28.09 17.32 13.13
N GLY A 418 -28.52 17.84 11.98
CA GLY A 418 -27.99 17.42 10.69
C GLY A 418 -27.62 18.62 9.85
N LEU A 419 -26.34 18.77 9.53
CA LEU A 419 -25.83 19.98 8.88
C LEU A 419 -25.37 19.69 7.45
N THR A 420 -25.66 20.62 6.54
CA THR A 420 -25.34 20.44 5.13
C THR A 420 -23.87 20.74 4.88
N ARG A 421 -23.21 19.86 4.14
CA ARG A 421 -21.82 20.13 3.77
C ARG A 421 -21.71 21.33 2.83
N SER A 422 -22.73 21.54 1.99
CA SER A 422 -22.65 22.63 1.02
C SER A 422 -22.56 23.99 1.68
N ALA A 423 -23.14 24.14 2.87
CA ALA A 423 -23.15 25.40 3.61
C ALA A 423 -22.12 25.43 4.74
N LEU A 424 -21.34 24.38 4.94
CA LEU A 424 -20.33 24.32 5.99
C LEU A 424 -18.94 24.45 5.38
N LEU A 425 -18.10 25.27 6.02
CA LEU A 425 -16.74 25.54 5.57
C LEU A 425 -15.77 25.04 6.62
N PRO A 426 -15.21 23.82 6.48
CA PRO A 426 -14.15 23.36 7.40
C PRO A 426 -12.97 24.32 7.48
N SER B 5 15.93 8.26 -22.58
CA SER B 5 17.01 7.93 -21.67
C SER B 5 17.41 6.47 -21.81
N TYR B 6 18.72 6.23 -21.70
CA TYR B 6 19.30 4.90 -21.89
C TYR B 6 20.27 4.62 -20.76
N ASN B 7 20.11 3.45 -20.13
CA ASN B 7 20.90 3.08 -18.97
C ASN B 7 21.48 1.68 -19.19
N TYR B 8 22.34 1.26 -18.28
CA TYR B 8 23.06 0.00 -18.40
C TYR B 8 23.25 -0.57 -17.00
N VAL B 9 22.39 -1.51 -16.61
CA VAL B 9 22.43 -2.11 -15.29
C VAL B 9 23.33 -3.33 -15.36
N VAL B 10 24.36 -3.36 -14.51
CA VAL B 10 25.30 -4.47 -14.43
C VAL B 10 25.47 -4.84 -12.97
N THR B 11 25.97 -6.03 -12.73
CA THR B 11 26.16 -6.56 -11.38
C THR B 11 27.64 -6.50 -11.05
N ALA B 12 28.05 -5.47 -10.31
CA ALA B 12 29.45 -5.38 -9.90
C ALA B 12 29.80 -6.45 -8.88
N GLN B 13 28.87 -6.77 -7.98
CA GLN B 13 29.02 -7.88 -7.05
C GLN B 13 27.78 -8.74 -7.11
N LYS B 14 27.98 -10.03 -7.33
CA LYS B 14 26.87 -10.96 -7.42
C LYS B 14 26.20 -11.07 -6.05
N PRO B 15 24.89 -11.38 -6.02
CA PRO B 15 24.19 -11.39 -4.72
C PRO B 15 24.77 -12.44 -3.79
N THR B 16 24.95 -12.05 -2.53
CA THR B 16 25.60 -12.89 -1.53
C THR B 16 24.65 -13.42 -0.48
N ALA B 17 23.51 -12.77 -0.27
CA ALA B 17 22.53 -13.28 0.68
C ALA B 17 21.96 -14.60 0.19
N VAL B 18 21.84 -15.55 1.11
CA VAL B 18 21.44 -16.92 0.79
C VAL B 18 19.92 -17.00 0.96
N ASN B 19 19.20 -16.87 -0.15
CA ASN B 19 17.75 -16.99 -0.09
C ASN B 19 17.32 -18.38 0.35
N GLY B 20 17.97 -19.42 -0.20
CA GLY B 20 17.56 -20.79 0.07
C GLY B 20 18.74 -21.72 0.17
N CYS B 21 18.48 -22.91 0.69
CA CYS B 21 19.49 -23.95 0.80
C CYS B 21 18.79 -25.30 0.77
N VAL B 22 19.38 -26.25 0.06
CA VAL B 22 18.91 -27.63 0.18
C VAL B 22 20.05 -28.57 -0.17
N THR B 23 20.17 -29.63 0.62
CA THR B 23 21.21 -30.63 0.47
C THR B 23 20.64 -31.86 -0.23
N GLY B 24 21.42 -32.44 -1.13
CA GLY B 24 20.99 -33.66 -1.77
C GLY B 24 22.01 -34.13 -2.79
N HIS B 25 21.64 -35.18 -3.52
CA HIS B 25 22.51 -35.82 -4.49
C HIS B 25 22.14 -35.31 -5.87
N PHE B 26 22.72 -34.16 -6.24
CA PHE B 26 22.47 -33.51 -7.52
C PHE B 26 23.56 -33.77 -8.54
N THR B 27 24.83 -33.69 -8.14
CA THR B 27 25.92 -34.01 -9.05
C THR B 27 25.90 -35.47 -9.44
N SER B 28 25.74 -36.36 -8.47
CA SER B 28 25.71 -37.79 -8.72
C SER B 28 25.15 -38.46 -7.47
N ALA B 29 24.80 -39.74 -7.62
CA ALA B 29 24.26 -40.49 -6.50
C ALA B 29 25.26 -40.63 -5.36
N GLU B 30 26.56 -40.49 -5.64
CA GLU B 30 27.61 -40.64 -4.63
C GLU B 30 28.21 -39.30 -4.20
N ASP B 31 27.62 -38.18 -4.61
CA ASP B 31 28.12 -36.85 -4.30
C ASP B 31 27.02 -36.08 -3.57
N LEU B 32 27.25 -35.78 -2.30
CA LEU B 32 26.33 -34.96 -1.53
C LEU B 32 26.72 -33.50 -1.72
N ASN B 33 25.77 -32.70 -2.21
CA ASN B 33 25.99 -31.29 -2.51
C ASN B 33 24.99 -30.46 -1.74
N LEU B 34 25.37 -29.21 -1.51
CA LEU B 34 24.52 -28.19 -0.88
C LEU B 34 24.23 -27.15 -1.95
N LEU B 35 23.06 -27.23 -2.58
CA LEU B 35 22.64 -26.17 -3.48
C LEU B 35 22.22 -24.97 -2.67
N ILE B 36 22.79 -23.81 -3.02
CA ILE B 36 22.54 -22.55 -2.33
C ILE B 36 21.87 -21.62 -3.33
N ALA B 37 20.70 -21.10 -2.95
CA ALA B 37 19.97 -20.12 -3.74
C ALA B 37 20.37 -18.75 -3.20
N LYS B 38 21.40 -18.19 -3.80
CA LYS B 38 21.80 -16.80 -3.53
C LYS B 38 20.97 -15.89 -4.44
N ASN B 39 19.67 -15.88 -4.14
CA ASN B 39 18.71 -15.06 -4.86
C ASN B 39 18.74 -15.39 -6.36
N THR B 40 19.23 -14.50 -7.22
CA THR B 40 19.24 -14.81 -8.65
C THR B 40 20.33 -15.80 -9.05
N ARG B 41 21.17 -16.24 -8.14
CA ARG B 41 22.24 -17.19 -8.42
C ARG B 41 21.98 -18.52 -7.72
N LEU B 42 22.46 -19.60 -8.33
CA LEU B 42 22.33 -20.95 -7.79
C LEU B 42 23.72 -21.57 -7.76
N GLU B 43 24.28 -21.74 -6.57
CA GLU B 43 25.60 -22.33 -6.41
C GLU B 43 25.46 -23.81 -6.04
N ILE B 44 25.96 -24.67 -6.92
CA ILE B 44 26.10 -26.09 -6.64
C ILE B 44 27.48 -26.26 -6.05
N TYR B 45 27.53 -26.44 -4.73
CA TYR B 45 28.72 -26.77 -3.97
C TYR B 45 28.66 -28.26 -3.68
N VAL B 46 29.73 -28.98 -4.01
CA VAL B 46 29.85 -30.39 -3.63
C VAL B 46 30.55 -30.45 -2.29
N VAL B 47 29.90 -31.06 -1.31
CA VAL B 47 30.42 -31.09 0.05
C VAL B 47 31.53 -32.12 0.13
N THR B 48 32.62 -31.74 0.79
CA THR B 48 33.74 -32.62 1.05
C THR B 48 34.10 -32.51 2.53
N ALA B 49 34.91 -33.47 2.99
CA ALA B 49 35.31 -33.47 4.39
C ALA B 49 36.08 -32.20 4.75
N GLU B 50 36.95 -31.76 3.85
CA GLU B 50 37.67 -30.51 4.09
C GLU B 50 36.71 -29.33 4.15
N GLY B 51 35.72 -29.30 3.28
CA GLY B 51 34.76 -28.23 3.25
C GLY B 51 34.02 -28.21 1.94
N LEU B 52 33.33 -27.10 1.69
CA LEU B 52 32.61 -26.92 0.44
C LEU B 52 33.59 -26.71 -0.71
N ARG B 53 33.19 -27.18 -1.89
CA ARG B 53 33.99 -27.04 -3.10
C ARG B 53 33.11 -26.40 -4.17
N PRO B 54 33.44 -25.20 -4.67
CA PRO B 54 32.70 -24.67 -5.82
C PRO B 54 32.77 -25.62 -7.00
N VAL B 55 31.59 -25.97 -7.52
CA VAL B 55 31.47 -26.80 -8.71
C VAL B 55 30.72 -26.07 -9.83
N LYS B 56 29.65 -25.35 -9.50
CA LYS B 56 29.00 -24.58 -10.58
C LYS B 56 28.10 -23.50 -10.01
N GLU B 57 28.37 -22.25 -10.35
CA GLU B 57 27.54 -21.11 -9.95
C GLU B 57 26.74 -20.65 -11.16
N VAL B 58 25.53 -21.20 -11.30
CA VAL B 58 24.67 -20.88 -12.42
C VAL B 58 23.94 -19.56 -12.14
N GLY B 59 23.78 -18.76 -13.20
CA GLY B 59 22.99 -17.55 -13.13
C GLY B 59 21.56 -17.80 -13.57
N MET B 60 20.62 -17.67 -12.64
CA MET B 60 19.21 -17.85 -12.92
C MET B 60 18.60 -16.52 -13.34
N TYR B 61 17.84 -16.54 -14.43
CA TYR B 61 16.98 -15.41 -14.78
C TYR B 61 15.74 -15.46 -13.89
N GLY B 62 15.96 -15.16 -12.61
CA GLY B 62 14.90 -15.32 -11.65
C GLY B 62 15.37 -15.49 -10.22
N LYS B 63 14.62 -14.94 -9.26
CA LYS B 63 14.90 -15.21 -7.86
C LYS B 63 14.34 -16.57 -7.49
N ILE B 64 15.15 -17.38 -6.80
CA ILE B 64 14.68 -18.71 -6.44
C ILE B 64 13.74 -18.59 -5.26
N ALA B 65 12.44 -18.47 -5.54
CA ALA B 65 11.47 -18.38 -4.45
C ALA B 65 11.28 -19.72 -3.76
N VAL B 66 11.52 -20.82 -4.48
CA VAL B 66 11.42 -22.16 -3.92
C VAL B 66 12.52 -23.02 -4.54
N MET B 67 13.11 -23.87 -3.73
CA MET B 67 14.09 -24.85 -4.18
C MET B 67 13.79 -26.19 -3.51
N GLU B 68 14.07 -27.27 -4.23
CA GLU B 68 13.87 -28.59 -3.66
C GLU B 68 14.46 -29.61 -4.62
N LEU B 69 15.11 -30.64 -4.04
CA LEU B 69 15.67 -31.74 -4.81
C LEU B 69 14.75 -32.95 -4.66
N PHE B 70 14.61 -33.71 -5.74
CA PHE B 70 13.77 -34.89 -5.71
C PHE B 70 14.22 -35.84 -6.82
N ARG B 71 14.15 -37.14 -6.53
CA ARG B 71 14.55 -38.18 -7.47
C ARG B 71 13.31 -38.96 -7.87
N PRO B 72 12.74 -38.72 -9.05
CA PRO B 72 11.66 -39.61 -9.52
C PRO B 72 12.17 -41.01 -9.73
N LYS B 73 11.24 -41.96 -9.77
CA LYS B 73 11.60 -43.36 -9.95
C LYS B 73 12.34 -43.54 -11.27
N GLY B 74 13.51 -44.19 -11.19
CA GLY B 74 14.35 -44.40 -12.34
C GLY B 74 15.38 -43.32 -12.59
N GLU B 75 15.30 -42.19 -11.89
CA GLU B 75 16.27 -41.12 -12.05
C GLU B 75 17.53 -41.44 -11.25
N SER B 76 18.69 -41.37 -11.91
CA SER B 76 19.94 -41.71 -11.25
C SER B 76 20.23 -40.74 -10.11
N LYS B 77 20.21 -39.44 -10.41
CA LYS B 77 20.46 -38.39 -9.44
C LYS B 77 19.20 -37.56 -9.26
N ASP B 78 19.19 -36.77 -8.18
CA ASP B 78 18.04 -35.91 -7.91
C ASP B 78 17.89 -34.87 -9.00
N LEU B 79 16.65 -34.62 -9.40
CA LEU B 79 16.32 -33.44 -10.19
C LEU B 79 16.11 -32.27 -9.24
N LEU B 80 16.08 -31.07 -9.81
CA LEU B 80 15.99 -29.83 -9.05
C LEU B 80 14.79 -29.03 -9.51
N PHE B 81 13.79 -28.90 -8.64
CA PHE B 81 12.65 -28.04 -8.91
C PHE B 81 12.97 -26.64 -8.42
N ILE B 82 12.96 -25.68 -9.33
CA ILE B 82 13.15 -24.27 -9.01
C ILE B 82 11.90 -23.54 -9.47
N LEU B 83 11.25 -22.84 -8.54
CA LEU B 83 10.18 -21.91 -8.86
C LEU B 83 10.66 -20.51 -8.55
N THR B 84 10.28 -19.57 -9.41
CA THR B 84 10.71 -18.20 -9.33
C THR B 84 9.64 -17.32 -8.69
N ALA B 85 10.08 -16.17 -8.16
CA ALA B 85 9.13 -15.18 -7.68
C ALA B 85 8.23 -14.68 -8.80
N LYS B 86 8.71 -14.75 -10.05
CA LYS B 86 7.86 -14.51 -11.22
C LYS B 86 7.07 -15.75 -11.63
N TYR B 87 7.08 -16.80 -10.81
CA TYR B 87 6.29 -18.00 -11.04
C TYR B 87 6.71 -18.74 -12.30
N ASN B 88 8.01 -18.73 -12.58
CA ASN B 88 8.62 -19.63 -13.57
C ASN B 88 9.06 -20.88 -12.83
N ALA B 89 8.40 -22.00 -13.12
CA ALA B 89 8.75 -23.29 -12.53
C ALA B 89 9.55 -24.09 -13.54
N CYS B 90 10.57 -24.79 -13.06
CA CYS B 90 11.44 -25.55 -13.96
C CYS B 90 12.11 -26.66 -13.18
N ILE B 91 12.02 -27.88 -13.71
CA ILE B 91 12.68 -29.05 -13.15
C ILE B 91 13.91 -29.29 -14.01
N LEU B 92 15.07 -29.30 -13.37
CA LEU B 92 16.37 -29.27 -14.02
C LEU B 92 17.14 -30.53 -13.67
N GLU B 93 17.88 -31.05 -14.65
CA GLU B 93 18.84 -32.12 -14.44
C GLU B 93 20.24 -31.57 -14.67
N TYR B 94 21.19 -32.12 -13.93
CA TYR B 94 22.57 -31.66 -13.95
C TYR B 94 23.41 -32.66 -14.73
N LYS B 95 23.77 -32.30 -15.96
CA LYS B 95 24.49 -33.17 -16.87
C LYS B 95 25.94 -32.72 -16.96
N GLN B 96 26.86 -33.66 -16.78
CA GLN B 96 28.29 -33.41 -16.84
C GLN B 96 28.88 -34.25 -17.97
N SER B 97 29.64 -33.59 -18.85
CA SER B 97 30.32 -34.24 -19.97
C SER B 97 31.76 -33.73 -19.97
N GLY B 98 32.63 -34.43 -19.23
CA GLY B 98 34.00 -33.97 -19.12
C GLY B 98 34.08 -32.60 -18.46
N GLU B 99 34.98 -31.77 -18.96
CA GLU B 99 35.10 -30.42 -18.44
C GLU B 99 33.87 -29.56 -18.75
N SER B 100 33.09 -29.94 -19.76
CA SER B 100 31.88 -29.20 -20.10
C SER B 100 30.79 -29.52 -19.10
N ILE B 101 30.27 -28.49 -18.43
CA ILE B 101 29.25 -28.62 -17.40
C ILE B 101 28.06 -27.78 -17.82
N ASP B 102 26.88 -28.38 -17.77
CA ASP B 102 25.65 -27.69 -18.16
C ASP B 102 24.48 -28.26 -17.39
N ILE B 103 23.51 -27.40 -17.09
CA ILE B 103 22.31 -27.77 -16.34
C ILE B 103 21.19 -27.90 -17.36
N ILE B 104 20.84 -29.14 -17.71
CA ILE B 104 19.77 -29.37 -18.66
C ILE B 104 18.44 -29.10 -17.97
N THR B 105 17.51 -28.49 -18.71
CA THR B 105 16.16 -28.21 -18.22
C THR B 105 15.27 -29.38 -18.62
N ARG B 106 14.94 -30.24 -17.66
CA ARG B 106 14.08 -31.37 -17.97
C ARG B 106 12.69 -30.91 -18.38
N ALA B 107 12.13 -29.93 -17.67
CA ALA B 107 10.77 -29.51 -17.99
C ALA B 107 10.48 -28.16 -17.35
N HIS B 108 10.05 -27.20 -18.16
CA HIS B 108 9.84 -25.83 -17.71
C HIS B 108 8.44 -25.36 -18.04
N GLY B 109 8.02 -24.31 -17.34
CA GLY B 109 6.73 -23.70 -17.60
C GLY B 109 6.55 -22.51 -16.69
N ASN B 110 5.45 -21.80 -16.92
CA ASN B 110 5.03 -20.68 -16.09
C ASN B 110 3.76 -21.11 -15.36
N VAL B 111 3.77 -21.00 -14.04
CA VAL B 111 2.68 -21.44 -13.19
C VAL B 111 1.90 -20.26 -12.62
N GLN B 112 1.97 -19.10 -13.26
CA GLN B 112 1.22 -17.95 -12.80
C GLN B 112 -0.25 -18.10 -13.16
N ASP B 113 -1.12 -17.76 -12.22
CA ASP B 113 -2.55 -17.78 -12.43
C ASP B 113 -3.01 -16.44 -13.00
N ARG B 114 -4.00 -16.49 -13.88
CA ARG B 114 -4.55 -15.25 -14.44
C ARG B 114 -5.18 -14.38 -13.35
N ILE B 115 -5.73 -15.01 -12.32
CA ILE B 115 -6.38 -14.31 -11.22
C ILE B 115 -5.91 -14.90 -9.90
N GLY B 116 -6.16 -14.16 -8.82
CA GLY B 116 -5.80 -14.56 -7.48
C GLY B 116 -4.61 -13.79 -6.95
N ARG B 117 -4.80 -13.11 -5.81
CA ARG B 117 -3.72 -12.36 -5.21
C ARG B 117 -2.72 -13.32 -4.55
N PRO B 118 -1.44 -12.96 -4.48
CA PRO B 118 -0.47 -13.85 -3.84
C PRO B 118 -0.74 -13.99 -2.35
N SER B 119 -0.46 -15.18 -1.83
CA SER B 119 -0.69 -15.44 -0.42
C SER B 119 0.25 -14.60 0.44
N GLU B 120 -0.30 -14.03 1.52
CA GLU B 120 0.50 -13.22 2.41
C GLU B 120 1.59 -14.04 3.09
N THR B 121 1.38 -15.33 3.27
CA THR B 121 2.34 -16.21 3.92
C THR B 121 3.36 -16.79 2.94
N GLY B 122 3.62 -16.11 1.83
CA GLY B 122 4.74 -16.46 0.98
C GLY B 122 4.41 -17.46 -0.11
N ILE B 123 5.42 -17.73 -0.91
CA ILE B 123 5.31 -18.64 -2.05
C ILE B 123 5.84 -19.98 -1.58
N ILE B 124 4.95 -20.83 -1.09
CA ILE B 124 5.33 -22.12 -0.56
C ILE B 124 5.35 -23.13 -1.71
N GLY B 125 6.35 -23.99 -1.72
CA GLY B 125 6.44 -25.04 -2.72
C GLY B 125 7.08 -26.29 -2.14
N ILE B 126 6.41 -27.42 -2.29
CA ILE B 126 6.78 -28.64 -1.60
C ILE B 126 6.63 -29.82 -2.54
N ILE B 127 7.60 -30.73 -2.50
CA ILE B 127 7.62 -31.90 -3.37
C ILE B 127 7.12 -33.09 -2.58
N ASP B 128 6.29 -33.92 -3.22
CA ASP B 128 5.86 -35.15 -2.57
C ASP B 128 7.08 -36.03 -2.31
N PRO B 129 7.17 -36.69 -1.15
CA PRO B 129 8.36 -37.51 -0.87
C PRO B 129 8.58 -38.63 -1.86
N GLU B 130 7.51 -39.25 -2.36
CA GLU B 130 7.63 -40.23 -3.44
C GLU B 130 7.80 -39.58 -4.81
N CYS B 131 7.84 -38.25 -4.88
CA CYS B 131 8.13 -37.52 -6.11
C CYS B 131 7.11 -37.79 -7.19
N ARG B 132 5.87 -38.08 -6.81
CA ARG B 132 4.80 -38.21 -7.78
C ARG B 132 4.34 -36.89 -8.35
N MET B 133 4.70 -35.76 -7.72
CA MET B 133 4.08 -34.48 -8.03
C MET B 133 4.75 -33.38 -7.22
N ILE B 134 4.40 -32.14 -7.57
CA ILE B 134 4.86 -30.94 -6.88
C ILE B 134 3.62 -30.14 -6.49
N GLY B 135 3.52 -29.78 -5.21
CA GLY B 135 2.47 -28.90 -4.73
C GLY B 135 3.04 -27.51 -4.52
N LEU B 136 2.17 -26.51 -4.69
CA LEU B 136 2.58 -25.11 -4.61
C LEU B 136 1.44 -24.30 -4.06
N ARG B 137 1.68 -23.62 -2.94
CA ARG B 137 0.76 -22.62 -2.41
C ARG B 137 1.34 -21.27 -2.82
N LEU B 138 0.91 -20.80 -4.00
CA LEU B 138 1.31 -19.51 -4.53
C LEU B 138 0.30 -18.42 -4.19
N TYR B 139 -0.99 -18.74 -4.31
CA TYR B 139 -2.08 -17.79 -4.10
C TYR B 139 -3.01 -18.32 -3.03
N ASP B 140 -3.48 -17.43 -2.16
CA ASP B 140 -4.43 -17.83 -1.12
C ASP B 140 -5.71 -18.34 -1.76
N GLY B 141 -6.20 -19.47 -1.25
CA GLY B 141 -7.40 -20.07 -1.78
C GLY B 141 -7.20 -20.98 -2.97
N LEU B 142 -5.96 -21.39 -3.25
CA LEU B 142 -5.69 -22.28 -4.36
C LEU B 142 -4.43 -23.08 -4.06
N PHE B 143 -4.29 -24.21 -4.75
CA PHE B 143 -3.13 -25.09 -4.60
C PHE B 143 -2.75 -25.57 -5.99
N LYS B 144 -1.69 -25.00 -6.56
CA LYS B 144 -1.22 -25.45 -7.85
C LYS B 144 -0.53 -26.80 -7.69
N VAL B 145 -0.79 -27.71 -8.62
CA VAL B 145 -0.32 -29.08 -8.55
C VAL B 145 0.23 -29.47 -9.91
N ILE B 146 1.48 -29.92 -9.94
CA ILE B 146 2.17 -30.37 -11.14
C ILE B 146 2.37 -31.88 -11.03
N PRO B 147 1.68 -32.71 -11.82
CA PRO B 147 2.03 -34.13 -11.87
C PRO B 147 3.37 -34.34 -12.56
N LEU B 148 3.92 -35.54 -12.36
CA LEU B 148 5.11 -36.00 -13.07
C LEU B 148 4.90 -37.40 -13.60
N ASN B 152 5.22 -34.80 -18.72
CA ASN B 152 4.83 -33.42 -18.46
C ASN B 152 6.02 -32.49 -18.68
N LYS B 153 6.48 -32.38 -19.92
CA LYS B 153 7.63 -31.55 -20.23
C LYS B 153 7.32 -30.05 -20.11
N GLU B 154 6.03 -29.68 -20.06
CA GLU B 154 5.64 -28.28 -20.03
C GLU B 154 5.20 -27.82 -18.64
N LEU B 155 5.23 -28.70 -17.64
CA LEU B 155 4.83 -28.37 -16.26
C LEU B 155 3.38 -27.86 -16.24
N LYS B 156 2.48 -28.72 -16.70
CA LYS B 156 1.07 -28.39 -16.71
C LYS B 156 0.53 -28.45 -15.29
N ALA B 157 0.29 -27.29 -14.70
CA ALA B 157 -0.16 -27.18 -13.32
C ALA B 157 -1.66 -26.95 -13.28
N PHE B 158 -2.36 -27.69 -12.42
CA PHE B 158 -3.79 -27.51 -12.21
C PHE B 158 -4.05 -27.09 -10.78
N ASN B 159 -5.02 -26.18 -10.61
CA ASN B 159 -5.37 -25.70 -9.29
C ASN B 159 -6.34 -26.65 -8.61
N ILE B 160 -6.19 -26.77 -7.29
CA ILE B 160 -7.18 -27.41 -6.43
C ILE B 160 -7.59 -26.38 -5.39
N ARG B 161 -8.89 -26.17 -5.25
CA ARG B 161 -9.39 -25.18 -4.31
C ARG B 161 -9.25 -25.71 -2.88
N LEU B 162 -8.65 -24.90 -2.02
CA LEU B 162 -8.59 -25.15 -0.58
C LEU B 162 -9.41 -24.09 0.14
N GLU B 163 -10.27 -24.52 1.06
CA GLU B 163 -11.23 -23.61 1.67
C GLU B 163 -10.59 -22.66 2.65
N GLU B 164 -9.38 -22.93 3.12
CA GLU B 164 -8.75 -22.17 4.21
C GLU B 164 -7.80 -21.14 3.61
N LEU B 165 -8.25 -19.90 3.52
CA LEU B 165 -7.54 -18.85 2.80
C LEU B 165 -6.33 -18.29 3.56
N HIS B 166 -5.93 -18.90 4.68
CA HIS B 166 -4.80 -18.43 5.47
C HIS B 166 -3.89 -19.60 5.84
N VAL B 167 -3.51 -20.41 4.85
CA VAL B 167 -2.53 -21.46 5.10
C VAL B 167 -1.20 -20.82 5.45
N ILE B 168 -0.56 -21.35 6.49
CA ILE B 168 0.68 -20.77 7.03
C ILE B 168 1.87 -21.54 6.47
N ASP B 169 1.96 -22.82 6.80
CA ASP B 169 3.01 -23.69 6.32
C ASP B 169 2.38 -25.02 5.96
N VAL B 170 2.73 -25.54 4.79
CA VAL B 170 2.19 -26.79 4.27
C VAL B 170 3.34 -27.67 3.84
N LYS B 171 3.28 -28.95 4.17
CA LYS B 171 4.31 -29.91 3.81
C LYS B 171 3.69 -31.24 3.44
N PHE B 172 4.36 -31.98 2.57
CA PHE B 172 3.88 -33.29 2.17
C PHE B 172 4.33 -34.33 3.19
N LEU B 173 3.38 -35.10 3.69
CA LEU B 173 3.69 -36.15 4.65
C LEU B 173 4.30 -37.35 3.95
N TYR B 174 4.96 -38.19 4.74
CA TYR B 174 5.71 -39.36 4.27
C TYR B 174 4.98 -40.62 4.68
N GLY B 175 5.32 -41.71 4.00
CA GLY B 175 4.77 -43.01 4.36
C GLY B 175 3.27 -43.10 4.24
N CYS B 176 2.71 -42.55 3.16
CA CYS B 176 1.28 -42.54 2.92
C CYS B 176 0.97 -43.30 1.64
N GLN B 177 -0.22 -43.89 1.60
CA GLN B 177 -0.63 -44.66 0.42
C GLN B 177 -0.71 -43.75 -0.81
N ALA B 178 -1.23 -42.55 -0.64
CA ALA B 178 -1.30 -41.53 -1.68
C ALA B 178 -0.77 -40.23 -1.09
N PRO B 179 -0.42 -39.25 -1.94
CA PRO B 179 0.14 -38.00 -1.41
C PRO B 179 -0.80 -37.30 -0.44
N THR B 180 -0.21 -36.68 0.57
CA THR B 180 -0.96 -36.05 1.65
C THR B 180 -0.27 -34.76 2.04
N ILE B 181 -0.95 -33.65 1.85
CA ILE B 181 -0.48 -32.37 2.36
C ILE B 181 -1.00 -32.20 3.78
N CYS B 182 -0.16 -31.68 4.66
CA CYS B 182 -0.53 -31.23 5.99
C CYS B 182 -0.23 -29.76 6.08
N PHE B 183 -1.24 -28.95 6.39
CA PHE B 183 -1.08 -27.50 6.42
C PHE B 183 -1.64 -26.92 7.70
N VAL B 184 -0.90 -25.98 8.26
CA VAL B 184 -1.36 -25.16 9.37
C VAL B 184 -2.04 -23.94 8.76
N TYR B 185 -3.34 -23.82 8.98
CA TYR B 185 -4.11 -22.67 8.54
C TYR B 185 -4.68 -21.94 9.75
N GLN B 186 -5.22 -20.76 9.49
CA GLN B 186 -5.79 -19.91 10.52
C GLN B 186 -7.22 -19.56 10.15
N ASP B 187 -8.15 -19.92 11.01
CA ASP B 187 -9.52 -19.44 11.01
C ASP B 187 -9.66 -18.38 12.08
N PRO B 188 -10.80 -17.67 12.12
CA PRO B 188 -11.02 -16.75 13.26
C PRO B 188 -11.02 -17.45 14.60
N GLN B 189 -11.30 -18.76 14.64
CA GLN B 189 -11.13 -19.51 15.88
C GLN B 189 -9.67 -19.53 16.31
N GLY B 190 -8.76 -19.71 15.37
CA GLY B 190 -7.35 -19.79 15.67
C GLY B 190 -6.63 -20.66 14.65
N ARG B 191 -5.49 -21.18 15.06
CA ARG B 191 -4.70 -22.05 14.20
C ARG B 191 -5.21 -23.48 14.28
N HIS B 192 -5.31 -24.14 13.12
CA HIS B 192 -5.67 -25.54 13.03
C HIS B 192 -4.75 -26.21 12.02
N VAL B 193 -4.75 -27.53 12.04
CA VAL B 193 -3.81 -28.36 11.27
C VAL B 193 -4.63 -29.36 10.49
N LYS B 194 -4.92 -29.06 9.22
CA LYS B 194 -5.73 -29.94 8.39
C LYS B 194 -4.87 -30.65 7.37
N THR B 195 -5.24 -31.90 7.08
CA THR B 195 -4.56 -32.73 6.11
C THR B 195 -5.51 -33.08 4.99
N TYR B 196 -5.01 -33.00 3.76
CA TYR B 196 -5.77 -33.37 2.57
C TYR B 196 -4.98 -34.42 1.79
N GLU B 197 -5.65 -35.51 1.45
CA GLU B 197 -5.08 -36.54 0.59
C GLU B 197 -5.37 -36.12 -0.85
N VAL B 198 -4.34 -35.73 -1.58
CA VAL B 198 -4.50 -35.11 -2.88
C VAL B 198 -4.51 -36.19 -3.94
N SER B 199 -5.68 -36.43 -4.53
CA SER B 199 -5.84 -37.44 -5.56
C SER B 199 -5.55 -36.83 -6.93
N LEU B 200 -4.55 -37.39 -7.62
CA LEU B 200 -4.18 -36.89 -8.93
C LEU B 200 -5.19 -37.32 -10.00
N ARG B 201 -5.66 -38.57 -9.93
CA ARG B 201 -6.65 -39.04 -10.90
C ARG B 201 -7.93 -38.22 -10.81
N GLU B 202 -8.41 -38.00 -9.58
CA GLU B 202 -9.52 -37.08 -9.38
C GLU B 202 -9.08 -35.62 -9.46
N LYS B 203 -7.80 -35.35 -9.25
CA LYS B 203 -7.27 -33.98 -9.28
C LYS B 203 -7.97 -33.11 -8.24
N GLU B 204 -8.14 -33.65 -7.04
CA GLU B 204 -8.93 -32.98 -6.01
C GLU B 204 -8.51 -33.46 -4.64
N PHE B 205 -8.98 -32.74 -3.62
CA PHE B 205 -8.65 -33.05 -2.25
C PHE B 205 -9.64 -34.06 -1.69
N ASN B 206 -9.12 -34.99 -0.88
CA ASN B 206 -9.90 -35.97 -0.15
C ASN B 206 -9.57 -35.83 1.33
N LYS B 207 -10.46 -36.37 2.17
CA LYS B 207 -10.27 -36.29 3.60
C LYS B 207 -8.94 -36.93 4.00
N GLY B 208 -8.20 -36.23 4.83
CA GLY B 208 -6.85 -36.65 5.17
C GLY B 208 -6.85 -37.76 6.19
N PRO B 209 -5.66 -38.31 6.46
CA PRO B 209 -5.57 -39.39 7.45
C PRO B 209 -6.04 -38.98 8.84
N TRP B 210 -5.82 -37.73 9.23
CA TRP B 210 -6.28 -37.24 10.53
C TRP B 210 -6.83 -35.84 10.36
N LYS B 211 -7.95 -35.58 11.05
CA LYS B 211 -8.72 -34.37 10.83
C LYS B 211 -8.04 -33.17 11.49
N GLN B 212 -8.74 -32.04 11.50
CA GLN B 212 -8.20 -30.82 12.08
C GLN B 212 -7.97 -31.00 13.58
N GLU B 213 -6.79 -30.57 14.04
CA GLU B 213 -6.46 -30.56 15.46
C GLU B 213 -5.98 -29.17 15.83
N ASN B 214 -6.66 -28.55 16.80
CA ASN B 214 -6.29 -27.20 17.20
C ASN B 214 -4.90 -27.19 17.82
N VAL B 215 -4.13 -26.15 17.50
CA VAL B 215 -2.76 -26.02 17.96
C VAL B 215 -2.53 -24.61 18.47
N GLU B 216 -1.29 -24.29 18.83
CA GLU B 216 -0.95 -22.96 19.35
C GLU B 216 -1.37 -21.88 18.37
N ALA B 217 -1.86 -20.76 18.91
CA ALA B 217 -2.30 -19.65 18.08
C ALA B 217 -1.19 -19.09 17.21
N GLU B 218 0.08 -19.33 17.57
CA GLU B 218 1.23 -18.94 16.76
C GLU B 218 1.98 -20.17 16.23
N ALA B 219 1.29 -21.30 16.11
CA ALA B 219 1.86 -22.42 15.37
C ALA B 219 2.07 -22.00 13.93
N SER B 220 3.33 -21.87 13.51
CA SER B 220 3.65 -21.21 12.24
C SER B 220 4.76 -21.91 11.49
N MET B 221 4.96 -23.21 11.71
CA MET B 221 5.86 -23.96 10.84
C MET B 221 5.45 -25.42 10.92
N VAL B 222 5.41 -26.08 9.77
CA VAL B 222 5.10 -27.50 9.65
C VAL B 222 6.34 -28.20 9.11
N ILE B 223 6.69 -29.35 9.67
CA ILE B 223 7.78 -30.18 9.16
C ILE B 223 7.26 -31.61 9.10
N ALA B 224 7.17 -32.17 7.90
CA ALA B 224 6.78 -33.56 7.76
C ALA B 224 7.96 -34.45 8.11
N VAL B 225 7.67 -35.54 8.83
CA VAL B 225 8.70 -36.46 9.30
C VAL B 225 8.82 -37.62 8.31
N PRO B 226 10.02 -38.14 8.05
CA PRO B 226 10.12 -39.38 7.26
C PRO B 226 9.63 -40.57 8.06
N GLU B 227 9.46 -41.67 7.34
CA GLU B 227 9.25 -42.95 7.98
C GLU B 227 10.52 -43.34 8.73
N PRO B 228 10.41 -44.20 9.74
CA PRO B 228 9.23 -44.97 10.18
C PRO B 228 8.34 -44.19 11.12
N PHE B 229 8.60 -42.89 11.32
CA PHE B 229 7.81 -42.09 12.24
C PHE B 229 6.53 -41.60 11.58
N GLY B 230 6.65 -40.85 10.50
CA GLY B 230 5.50 -40.26 9.85
C GLY B 230 4.97 -39.06 10.63
N GLY B 231 3.81 -38.59 10.20
CA GLY B 231 3.21 -37.45 10.87
C GLY B 231 3.98 -36.18 10.58
N ALA B 232 3.83 -35.21 11.47
CA ALA B 232 4.46 -33.91 11.27
C ALA B 232 4.68 -33.22 12.61
N ILE B 233 5.86 -32.64 12.77
CA ILE B 233 6.14 -31.71 13.86
C ILE B 233 5.62 -30.34 13.45
N ILE B 234 5.14 -29.59 14.43
CA ILE B 234 4.61 -28.25 14.21
C ILE B 234 5.18 -27.33 15.28
N ILE B 235 5.77 -26.22 14.85
CA ILE B 235 6.50 -25.31 15.72
C ILE B 235 5.83 -23.94 15.68
N GLY B 236 5.72 -23.32 16.86
CA GLY B 236 5.22 -21.98 17.02
C GLY B 236 6.10 -21.19 17.97
N GLN B 237 5.50 -20.19 18.61
CA GLN B 237 6.27 -19.33 19.53
C GLN B 237 6.81 -20.13 20.71
N GLU B 238 5.96 -20.84 21.41
CA GLU B 238 6.30 -21.48 22.67
C GLU B 238 6.23 -23.00 22.59
N SER B 239 5.08 -23.55 22.20
CA SER B 239 4.89 -24.99 22.18
C SER B 239 5.31 -25.57 20.85
N ILE B 240 5.73 -26.84 20.89
CA ILE B 240 6.02 -27.64 19.71
C ILE B 240 5.24 -28.94 19.84
N THR B 241 4.49 -29.27 18.80
CA THR B 241 3.63 -30.44 18.77
C THR B 241 4.10 -31.40 17.69
N TYR B 242 3.58 -32.61 17.78
CA TYR B 242 3.80 -33.66 16.78
C TYR B 242 2.50 -34.42 16.64
N HIS B 243 2.01 -34.51 15.41
CA HIS B 243 0.73 -35.14 15.10
C HIS B 243 0.96 -36.31 14.15
N ASN B 244 0.42 -37.47 14.51
CA ASN B 244 0.43 -38.63 13.62
C ASN B 244 -0.78 -39.49 13.98
N GLY B 245 -1.87 -39.30 13.26
CA GLY B 245 -3.09 -40.03 13.57
C GLY B 245 -3.55 -39.69 14.97
N ASP B 246 -3.70 -40.73 15.80
CA ASP B 246 -4.07 -40.51 17.20
C ASP B 246 -2.91 -39.98 18.01
N LYS B 247 -1.67 -40.30 17.63
CA LYS B 247 -0.51 -39.88 18.40
C LYS B 247 -0.37 -38.37 18.39
N TYR B 248 -0.23 -37.79 19.57
CA TYR B 248 -0.10 -36.35 19.74
C TYR B 248 0.89 -36.07 20.87
N LEU B 249 2.10 -35.65 20.51
CA LEU B 249 3.17 -35.39 21.48
C LEU B 249 3.46 -33.90 21.51
N ALA B 250 3.38 -33.30 22.68
CA ALA B 250 3.55 -31.85 22.84
C ALA B 250 4.60 -31.54 23.89
N ILE B 251 5.39 -30.51 23.64
CA ILE B 251 6.34 -29.97 24.61
C ILE B 251 6.31 -28.46 24.53
N ALA B 252 6.83 -27.81 25.57
CA ALA B 252 6.93 -26.36 25.63
C ALA B 252 8.22 -25.98 26.36
N PRO B 253 9.37 -26.17 25.73
CA PRO B 253 10.64 -25.84 26.40
C PRO B 253 10.74 -24.36 26.68
N PRO B 254 11.32 -23.95 27.82
CA PRO B 254 11.55 -22.51 28.03
C PRO B 254 12.54 -21.90 27.05
N ILE B 255 13.39 -22.72 26.42
CA ILE B 255 14.43 -22.20 25.55
C ILE B 255 13.81 -21.47 24.36
N ILE B 256 12.77 -22.05 23.78
CA ILE B 256 12.26 -21.57 22.50
C ILE B 256 11.40 -20.32 22.65
N LYS B 257 10.85 -20.07 23.83
CA LYS B 257 9.98 -18.91 24.02
C LYS B 257 10.70 -17.59 23.76
N GLN B 258 12.04 -17.57 23.85
CA GLN B 258 12.78 -16.34 23.65
C GLN B 258 12.63 -15.83 22.21
N SER B 259 12.79 -16.72 21.23
CA SER B 259 12.83 -16.35 19.83
C SER B 259 11.97 -17.28 19.00
N THR B 260 11.35 -16.73 17.96
CA THR B 260 10.52 -17.51 17.06
C THR B 260 11.39 -18.32 16.11
N ILE B 261 11.13 -19.61 16.02
CA ILE B 261 11.84 -20.47 15.08
C ILE B 261 11.31 -20.20 13.68
N VAL B 262 12.21 -20.00 12.72
CA VAL B 262 11.84 -19.58 11.37
C VAL B 262 12.41 -20.49 10.29
N CYS B 263 13.33 -21.38 10.65
CA CYS B 263 13.92 -22.28 9.67
C CYS B 263 14.22 -23.61 10.33
N HIS B 264 14.41 -24.62 9.49
CA HIS B 264 14.64 -25.98 9.96
C HIS B 264 15.39 -26.75 8.89
N ASN B 265 15.91 -27.90 9.27
CA ASN B 265 16.61 -28.77 8.35
C ASN B 265 16.73 -30.16 8.96
N ARG B 266 16.45 -31.17 8.16
CA ARG B 266 16.59 -32.54 8.63
C ARG B 266 18.06 -32.92 8.74
N VAL B 267 18.39 -33.62 9.83
CA VAL B 267 19.76 -34.07 10.06
C VAL B 267 19.88 -35.54 9.66
N ASP B 268 19.10 -36.39 10.31
CA ASP B 268 19.19 -37.83 10.12
C ASP B 268 18.16 -38.28 9.08
N PRO B 269 18.50 -39.12 8.10
CA PRO B 269 17.48 -39.54 7.13
C PRO B 269 16.29 -40.26 7.75
N ASN B 270 16.50 -41.05 8.80
CA ASN B 270 15.37 -41.72 9.44
C ASN B 270 14.40 -40.74 10.08
N GLY B 271 14.86 -39.53 10.39
CA GLY B 271 14.01 -38.50 10.96
C GLY B 271 14.12 -38.35 12.46
N SER B 272 15.05 -39.06 13.11
CA SER B 272 15.14 -39.02 14.56
C SER B 272 15.77 -37.74 15.09
N ARG B 273 16.49 -36.99 14.27
CA ARG B 273 17.28 -35.86 14.73
C ARG B 273 17.05 -34.70 13.76
N TYR B 274 16.59 -33.56 14.26
CA TYR B 274 16.24 -32.41 13.44
C TYR B 274 17.02 -31.18 13.90
N LEU B 275 17.11 -30.21 13.02
CA LEU B 275 17.82 -28.97 13.25
C LEU B 275 16.87 -27.80 13.03
N LEU B 276 16.91 -26.83 13.95
CA LEU B 276 16.07 -25.64 13.87
C LEU B 276 16.89 -24.39 14.12
N GLY B 277 16.44 -23.27 13.56
CA GLY B 277 17.05 -21.99 13.81
C GLY B 277 16.00 -20.91 13.93
N ASP B 278 16.38 -19.81 14.57
CA ASP B 278 15.44 -18.73 14.84
C ASP B 278 16.00 -17.36 14.43
N MET B 279 15.25 -16.30 14.72
CA MET B 279 15.59 -14.98 14.21
C MET B 279 16.82 -14.41 14.92
N GLU B 280 17.02 -14.73 16.20
CA GLU B 280 18.11 -14.19 16.98
C GLU B 280 19.40 -14.99 16.80
N GLY B 281 19.51 -15.79 15.75
CA GLY B 281 20.71 -16.54 15.49
C GLY B 281 20.84 -17.83 16.25
N ARG B 282 20.00 -18.07 17.25
CA ARG B 282 20.08 -19.31 18.00
C ARG B 282 19.68 -20.49 17.13
N LEU B 283 20.34 -21.62 17.39
CA LEU B 283 20.19 -22.84 16.63
C LEU B 283 20.01 -23.96 17.64
N PHE B 284 18.89 -24.67 17.53
CA PHE B 284 18.52 -25.78 18.38
C PHE B 284 18.57 -27.09 17.61
N MET B 285 18.62 -28.18 18.36
CA MET B 285 18.63 -29.54 17.83
C MET B 285 17.40 -30.23 18.40
N LEU B 286 16.36 -30.40 17.58
CA LEU B 286 15.12 -31.05 17.98
C LEU B 286 15.28 -32.56 17.82
N LEU B 287 15.56 -33.25 18.91
CA LEU B 287 15.73 -34.69 18.89
C LEU B 287 14.37 -35.37 19.06
N LEU B 288 14.12 -36.40 18.25
CA LEU B 288 12.93 -37.22 18.37
C LEU B 288 13.31 -38.52 19.07
N GLU B 289 12.68 -38.79 20.21
CA GLU B 289 12.88 -40.07 20.87
C GLU B 289 12.27 -41.18 20.03
N LYS B 290 12.98 -42.31 19.93
CA LYS B 290 12.59 -43.43 19.10
C LYS B 290 12.16 -44.57 20.02
N GLU B 291 10.94 -45.05 19.84
CA GLU B 291 10.37 -46.13 20.63
C GLU B 291 9.89 -47.23 19.71
N GLU B 292 10.28 -48.46 20.01
CA GLU B 292 9.91 -49.63 19.22
C GLU B 292 8.79 -50.38 19.94
N GLN B 293 7.69 -50.60 19.23
CA GLN B 293 6.53 -51.32 19.77
C GLN B 293 6.46 -52.72 19.18
N THR B 297 7.12 -52.53 14.47
CA THR B 297 6.59 -51.17 14.31
C THR B 297 7.46 -50.17 15.06
N VAL B 298 7.22 -48.89 14.79
CA VAL B 298 7.96 -47.79 15.41
C VAL B 298 6.97 -46.69 15.76
N THR B 299 7.18 -46.06 16.92
CA THR B 299 6.38 -44.94 17.35
C THR B 299 7.27 -43.94 18.08
N LEU B 300 6.90 -42.67 17.96
CA LEU B 300 7.63 -41.61 18.65
C LEU B 300 7.46 -41.75 20.16
N LYS B 301 8.55 -41.51 20.89
CA LYS B 301 8.55 -41.55 22.34
C LYS B 301 8.37 -40.18 22.98
N ASP B 302 9.17 -39.21 22.55
CA ASP B 302 9.09 -37.86 23.13
C ASP B 302 9.99 -36.94 22.32
N LEU B 303 9.71 -35.65 22.42
CA LEU B 303 10.48 -34.61 21.73
C LEU B 303 11.38 -33.90 22.72
N ARG B 304 12.63 -33.68 22.32
CA ARG B 304 13.59 -32.90 23.09
C ARG B 304 14.20 -31.85 22.18
N VAL B 305 14.41 -30.66 22.74
CA VAL B 305 15.05 -29.55 22.03
C VAL B 305 16.27 -29.16 22.83
N GLU B 306 17.43 -29.19 22.18
CA GLU B 306 18.72 -28.86 22.80
C GLU B 306 19.32 -27.67 22.08
N LEU B 307 19.70 -26.65 22.85
CA LEU B 307 20.29 -25.44 22.28
C LEU B 307 21.70 -25.76 21.82
N LEU B 308 21.89 -25.93 20.51
CA LEU B 308 23.23 -26.12 20.00
C LEU B 308 24.08 -24.88 20.21
N GLY B 309 23.58 -23.72 19.83
CA GLY B 309 24.30 -22.50 20.10
C GLY B 309 23.91 -21.38 19.15
N GLU B 310 24.58 -20.26 19.33
CA GLU B 310 24.32 -19.08 18.50
C GLU B 310 25.12 -19.17 17.21
N THR B 311 24.46 -18.84 16.10
CA THR B 311 25.09 -18.79 14.78
C THR B 311 24.60 -17.52 14.09
N SER B 312 24.88 -17.41 12.80
CA SER B 312 24.36 -16.29 12.03
C SER B 312 22.84 -16.36 11.97
N ILE B 313 22.22 -15.20 11.80
CA ILE B 313 20.76 -15.14 11.75
C ILE B 313 20.31 -15.83 10.47
N ALA B 314 19.77 -17.03 10.63
CA ALA B 314 19.60 -17.95 9.51
C ALA B 314 18.21 -17.85 8.92
N GLU B 315 18.15 -17.66 7.61
CA GLU B 315 16.93 -17.91 6.85
C GLU B 315 16.81 -19.35 6.39
N CYS B 316 17.87 -20.15 6.51
CA CYS B 316 17.80 -21.56 6.16
C CYS B 316 18.95 -22.29 6.84
N LEU B 317 18.75 -23.58 7.03
CA LEU B 317 19.75 -24.47 7.61
C LEU B 317 19.85 -25.71 6.75
N THR B 318 21.04 -26.30 6.70
CA THR B 318 21.22 -27.55 5.98
C THR B 318 22.35 -28.34 6.62
N TYR B 319 22.04 -29.46 7.24
CA TYR B 319 23.06 -30.37 7.74
C TYR B 319 23.60 -31.17 6.57
N LEU B 320 24.91 -31.06 6.34
CA LEU B 320 25.53 -31.69 5.17
C LEU B 320 26.01 -33.10 5.49
N ASP B 321 26.97 -33.23 6.41
CA ASP B 321 27.49 -34.53 6.82
C ASP B 321 28.53 -34.31 7.91
N ASN B 322 28.73 -35.34 8.71
CA ASN B 322 29.83 -35.39 9.70
C ASN B 322 29.76 -34.23 10.66
N GLY B 323 28.55 -33.90 11.13
CA GLY B 323 28.41 -32.83 12.09
C GLY B 323 28.55 -31.44 11.51
N VAL B 324 28.54 -31.29 10.19
CA VAL B 324 28.73 -30.01 9.52
C VAL B 324 27.36 -29.48 9.13
N VAL B 325 27.10 -28.22 9.46
CA VAL B 325 25.86 -27.52 9.13
C VAL B 325 26.24 -26.28 8.36
N PHE B 326 25.46 -25.98 7.32
CA PHE B 326 25.50 -24.70 6.66
C PHE B 326 24.35 -23.85 7.20
N VAL B 327 24.70 -22.73 7.80
CA VAL B 327 23.75 -21.75 8.31
C VAL B 327 23.65 -20.70 7.22
N GLY B 328 22.64 -20.84 6.36
CA GLY B 328 22.43 -19.92 5.26
C GLY B 328 21.64 -18.72 5.72
N SER B 329 22.29 -17.57 5.74
CA SER B 329 21.75 -16.35 6.34
C SER B 329 21.62 -15.25 5.29
N ARG B 330 20.47 -14.59 5.27
CA ARG B 330 20.30 -13.36 4.53
C ARG B 330 20.63 -12.13 5.36
N LEU B 331 20.66 -12.26 6.69
CA LEU B 331 20.96 -11.14 7.57
C LEU B 331 22.44 -11.02 7.90
N GLY B 332 23.27 -11.98 7.47
CA GLY B 332 24.65 -11.98 7.92
C GLY B 332 25.43 -13.01 7.14
N ASP B 333 26.70 -13.15 7.53
CA ASP B 333 27.58 -14.09 6.87
C ASP B 333 27.06 -15.50 6.98
N SER B 334 26.60 -16.07 5.87
CA SER B 334 26.29 -17.48 5.83
C SER B 334 27.53 -18.26 6.21
N GLN B 335 27.40 -19.19 7.17
CA GLN B 335 28.58 -19.79 7.78
C GLN B 335 28.43 -21.30 7.90
N LEU B 336 29.53 -22.00 7.66
CA LEU B 336 29.63 -23.43 7.90
C LEU B 336 30.07 -23.61 9.35
N VAL B 337 29.15 -24.04 10.19
CA VAL B 337 29.39 -24.29 11.61
C VAL B 337 29.34 -25.79 11.85
N LYS B 338 30.17 -26.27 12.76
CA LYS B 338 30.23 -27.70 13.08
C LYS B 338 29.56 -27.94 14.42
N LEU B 339 28.64 -28.89 14.45
CA LEU B 339 27.96 -29.27 15.69
C LEU B 339 28.87 -30.22 16.45
N ASN B 340 29.65 -29.67 17.38
CA ASN B 340 30.54 -30.50 18.18
C ASN B 340 29.72 -31.43 19.06
N VAL B 341 30.23 -32.65 19.24
CA VAL B 341 29.54 -33.62 20.10
C VAL B 341 29.50 -33.11 21.53
N ASP B 342 30.63 -32.58 22.01
CA ASP B 342 30.73 -31.99 23.34
C ASP B 342 30.69 -30.47 23.24
N SER B 343 30.00 -29.84 24.18
CA SER B 343 29.85 -28.39 24.15
C SER B 343 31.19 -27.70 24.37
N ASN B 344 31.22 -26.42 24.06
CA ASN B 344 32.41 -25.60 24.24
C ASN B 344 32.55 -25.16 25.69
N SER B 348 28.78 -24.09 24.31
CA SER B 348 28.10 -24.05 23.01
C SER B 348 28.62 -25.16 22.10
N TYR B 349 27.70 -25.79 21.36
CA TYR B 349 28.04 -26.91 20.51
C TYR B 349 28.48 -26.50 19.11
N VAL B 350 28.14 -25.28 18.68
CA VAL B 350 28.46 -24.82 17.33
C VAL B 350 29.85 -24.19 17.35
N VAL B 351 30.67 -24.55 16.36
CA VAL B 351 31.96 -23.91 16.12
C VAL B 351 32.03 -23.58 14.64
N ALA B 352 32.35 -22.33 14.34
CA ALA B 352 32.32 -21.85 12.96
C ALA B 352 33.53 -22.37 12.20
N MET B 353 33.28 -23.22 11.21
CA MET B 353 34.37 -23.67 10.33
C MET B 353 34.72 -22.60 9.30
N GLU B 354 33.71 -22.16 8.54
CA GLU B 354 33.91 -21.17 7.49
C GLU B 354 32.86 -20.08 7.61
N THR B 355 33.17 -18.92 7.05
CA THR B 355 32.31 -17.74 7.11
C THR B 355 32.24 -17.14 5.72
N PHE B 356 31.17 -17.45 4.99
CA PHE B 356 31.00 -16.92 3.64
C PHE B 356 30.56 -15.47 3.71
N THR B 357 31.14 -14.65 2.84
CA THR B 357 30.80 -13.23 2.83
C THR B 357 29.34 -13.05 2.43
N ASN B 358 28.66 -12.16 3.16
CA ASN B 358 27.26 -11.83 2.87
C ASN B 358 27.10 -10.33 3.08
N LEU B 359 26.98 -9.59 1.98
CA LEU B 359 26.85 -8.15 2.05
C LEU B 359 25.43 -7.70 2.32
N GLY B 360 24.45 -8.58 2.15
CA GLY B 360 23.07 -8.21 2.37
C GLY B 360 22.72 -8.28 3.84
N PRO B 361 21.79 -7.44 4.31
CA PRO B 361 21.10 -6.32 3.64
C PRO B 361 21.94 -5.07 3.62
N ILE B 362 22.27 -4.53 2.45
CA ILE B 362 22.99 -3.27 2.36
C ILE B 362 22.01 -2.15 2.68
N VAL B 363 22.19 -1.51 3.83
CA VAL B 363 21.25 -0.52 4.32
C VAL B 363 21.63 0.88 3.86
N ASP B 364 22.92 1.15 3.74
CA ASP B 364 23.43 2.39 3.17
C ASP B 364 24.90 2.15 2.86
N MET B 365 25.46 2.96 1.98
CA MET B 365 26.86 2.82 1.59
C MET B 365 27.44 4.18 1.28
N CYS B 366 28.72 4.20 0.94
CA CYS B 366 29.39 5.41 0.45
C CYS B 366 30.67 5.05 -0.29
N VAL B 367 30.85 5.63 -1.47
CA VAL B 367 32.07 5.45 -2.25
C VAL B 367 33.10 6.44 -1.73
N VAL B 368 34.23 5.93 -1.24
CA VAL B 368 35.27 6.78 -0.66
C VAL B 368 36.63 6.23 -1.08
N ASP B 369 37.56 7.14 -1.34
CA ASP B 369 38.93 6.77 -1.72
C ASP B 369 39.74 6.65 -0.45
N LEU B 370 39.72 5.46 0.16
CA LEU B 370 40.49 5.22 1.38
C LEU B 370 41.98 5.33 1.10
N GLU B 371 42.47 4.60 0.09
CA GLU B 371 43.88 4.68 -0.27
C GLU B 371 44.24 5.99 -0.96
N ARG B 372 43.25 6.78 -1.38
CA ARG B 372 43.49 8.02 -2.11
C ARG B 372 44.24 7.77 -3.42
N GLN B 373 44.06 6.57 -3.99
CA GLN B 373 44.71 6.20 -5.24
C GLN B 373 43.88 6.57 -6.46
N GLY B 374 42.74 7.24 -6.29
CA GLY B 374 41.87 7.63 -7.36
C GLY B 374 40.74 6.67 -7.64
N GLN B 375 40.85 5.42 -7.20
CA GLN B 375 39.79 4.44 -7.33
C GLN B 375 38.97 4.43 -6.05
N GLY B 376 37.65 4.53 -6.19
CA GLY B 376 36.78 4.56 -5.03
C GLY B 376 36.62 3.18 -4.43
N GLN B 377 37.00 3.04 -3.17
CA GLN B 377 36.68 1.85 -2.38
C GLN B 377 35.33 2.07 -1.73
N LEU B 378 34.43 1.11 -1.93
CA LEU B 378 33.08 1.25 -1.45
C LEU B 378 33.02 0.83 0.03
N VAL B 379 32.14 1.46 0.80
CA VAL B 379 31.93 1.10 2.20
C VAL B 379 30.42 0.98 2.41
N THR B 380 29.93 -0.26 2.54
CA THR B 380 28.52 -0.54 2.73
C THR B 380 28.22 -0.87 4.18
N CYS B 381 26.99 -0.56 4.59
CA CYS B 381 26.47 -0.95 5.91
C CYS B 381 25.64 -2.21 5.72
N SER B 382 26.27 -3.36 5.92
CA SER B 382 25.62 -4.65 5.74
C SER B 382 25.14 -5.19 7.08
N GLY B 383 24.30 -6.21 6.99
CA GLY B 383 23.86 -6.94 8.16
C GLY B 383 22.79 -6.22 8.96
N ALA B 384 22.25 -6.93 9.94
CA ALA B 384 21.29 -6.37 10.86
C ALA B 384 21.32 -7.17 12.15
N PHE B 385 21.01 -6.50 13.25
CA PHE B 385 21.12 -7.06 14.60
C PHE B 385 22.56 -7.49 14.81
N LYS B 386 22.84 -8.69 15.31
CA LYS B 386 24.20 -9.05 15.70
C LYS B 386 25.11 -9.28 14.51
N GLU B 387 24.57 -9.40 13.30
CA GLU B 387 25.38 -9.60 12.11
C GLU B 387 25.72 -8.28 11.40
N GLY B 388 25.45 -7.15 12.03
CA GLY B 388 25.77 -5.88 11.41
C GLY B 388 27.26 -5.73 11.17
N SER B 389 27.60 -5.00 10.12
CA SER B 389 29.01 -4.85 9.77
C SER B 389 29.17 -3.73 8.75
N LEU B 390 30.40 -3.27 8.62
CA LEU B 390 30.83 -2.41 7.54
C LEU B 390 31.66 -3.23 6.57
N ARG B 391 31.21 -3.31 5.32
CA ARG B 391 31.89 -4.11 4.30
C ARG B 391 32.60 -3.15 3.35
N ILE B 392 33.91 -3.32 3.24
CA ILE B 392 34.76 -2.44 2.43
C ILE B 392 35.14 -3.23 1.19
N ILE B 393 34.75 -2.70 0.03
CA ILE B 393 34.79 -3.43 -1.24
C ILE B 393 35.75 -2.70 -2.16
N ARG B 394 36.65 -3.46 -2.79
CA ARG B 394 37.60 -2.93 -3.74
C ARG B 394 37.75 -3.92 -4.88
N ASN B 395 38.34 -3.45 -5.98
CA ASN B 395 38.62 -4.32 -7.12
C ASN B 395 40.01 -4.93 -6.98
N LEU B 409 37.12 -9.16 -6.64
CA LEU B 409 36.53 -8.13 -5.79
C LEU B 409 36.82 -8.38 -4.31
N HIS B 410 37.86 -7.74 -3.80
CA HIS B 410 38.26 -7.94 -2.42
C HIS B 410 37.25 -7.28 -1.49
N ILE B 411 36.87 -8.00 -0.43
CA ILE B 411 35.89 -7.54 0.55
C ILE B 411 36.50 -7.72 1.93
N ARG B 412 36.41 -6.67 2.75
CA ARG B 412 36.90 -6.67 4.12
C ARG B 412 35.71 -6.39 5.03
N THR B 413 35.48 -7.27 6.00
CA THR B 413 34.36 -7.14 6.91
C THR B 413 34.82 -6.50 8.22
N VAL B 414 34.00 -5.61 8.74
CA VAL B 414 34.25 -4.94 10.02
C VAL B 414 33.02 -5.17 10.87
N PRO B 415 32.97 -6.22 11.70
CA PRO B 415 31.76 -6.46 12.49
C PRO B 415 31.47 -5.32 13.45
N LEU B 416 30.20 -4.93 13.50
CA LEU B 416 29.70 -3.98 14.49
C LEU B 416 28.87 -4.63 15.58
N TYR B 417 28.28 -5.80 15.31
CA TYR B 417 27.41 -6.50 16.26
C TYR B 417 26.19 -5.65 16.62
N GLU B 418 25.78 -4.75 15.74
CA GLU B 418 24.51 -4.06 15.86
C GLU B 418 24.14 -3.54 14.49
N SER B 419 22.85 -3.31 14.28
CA SER B 419 22.34 -2.99 12.95
C SER B 419 22.84 -1.62 12.49
N PRO B 420 23.68 -1.51 11.44
CA PRO B 420 24.04 -0.19 10.95
C PRO B 420 23.08 0.28 9.88
N ARG B 421 22.62 1.52 9.95
CA ARG B 421 21.58 2.04 9.08
C ARG B 421 22.12 3.00 8.03
N LYS B 422 22.84 4.04 8.46
CA LYS B 422 23.32 5.09 7.57
C LYS B 422 24.79 5.36 7.84
N ILE B 423 25.54 5.62 6.78
CA ILE B 423 26.97 5.91 6.86
C ILE B 423 27.29 7.14 6.03
N CYS B 424 28.23 7.93 6.52
CA CYS B 424 28.78 9.06 5.78
C CYS B 424 30.24 9.22 6.15
N TYR B 425 31.01 9.77 5.23
CA TYR B 425 32.46 9.86 5.35
C TYR B 425 32.89 11.31 5.49
N GLN B 426 33.85 11.54 6.38
CA GLN B 426 34.47 12.85 6.58
C GLN B 426 35.90 12.79 6.08
N GLU B 427 36.25 13.73 5.20
CA GLU B 427 37.61 13.74 4.66
C GLU B 427 38.61 14.23 5.69
N VAL B 428 38.28 15.29 6.41
CA VAL B 428 39.27 15.90 7.31
C VAL B 428 39.54 15.00 8.51
N SER B 429 38.50 14.38 9.06
CA SER B 429 38.68 13.52 10.23
C SER B 429 39.07 12.10 9.87
N GLN B 430 39.08 11.75 8.59
CA GLN B 430 39.54 10.43 8.13
C GLN B 430 38.71 9.32 8.76
N CYS B 431 37.41 9.55 8.93
CA CYS B 431 36.57 8.61 9.66
C CYS B 431 35.15 8.66 9.12
N PHE B 432 34.46 7.53 9.23
CA PHE B 432 33.04 7.42 8.91
C PHE B 432 32.20 7.70 10.13
N GLY B 433 30.99 8.21 9.88
CA GLY B 433 29.95 8.26 10.89
C GLY B 433 28.86 7.29 10.54
N VAL B 434 28.69 6.25 11.35
CA VAL B 434 27.77 5.15 11.08
C VAL B 434 26.63 5.25 12.08
N LEU B 435 25.40 5.33 11.58
CA LEU B 435 24.22 5.41 12.45
C LEU B 435 23.81 4.00 12.81
N SER B 436 24.29 3.52 13.95
CA SER B 436 24.03 2.17 14.39
C SER B 436 22.84 2.12 15.34
N SER B 437 22.27 0.93 15.46
CA SER B 437 21.09 0.72 16.30
C SER B 437 21.17 -0.69 16.85
N ARG B 438 21.13 -0.81 18.17
CA ARG B 438 21.22 -2.10 18.83
C ARG B 438 19.99 -2.31 19.69
N ILE B 439 19.52 -3.55 19.72
CA ILE B 439 18.28 -3.90 20.42
C ILE B 439 18.64 -4.20 21.87
N GLU B 440 18.09 -3.42 22.79
CA GLU B 440 18.24 -3.61 24.22
C GLU B 440 16.91 -4.05 24.82
N VAL B 441 16.98 -4.71 25.97
CA VAL B 441 15.83 -5.23 26.69
C VAL B 441 15.66 -4.41 27.97
N GLN B 442 14.43 -3.93 28.20
CA GLN B 442 14.16 -3.14 29.39
C GLN B 442 14.36 -3.97 30.65
N ASP B 443 14.96 -3.35 31.66
CA ASP B 443 15.18 -4.01 32.94
C ASP B 443 15.13 -2.99 34.07
N THR B 448 17.58 -0.52 30.91
CA THR B 448 17.81 -1.24 29.66
C THR B 448 19.15 -1.95 29.68
N THR B 449 19.27 -3.04 28.92
CA THR B 449 20.48 -3.84 28.88
C THR B 449 20.75 -4.28 27.45
N ALA B 450 22.02 -4.28 27.06
CA ALA B 450 22.41 -4.71 25.73
C ALA B 450 22.52 -6.23 25.69
N LEU B 451 22.00 -6.82 24.61
CA LEU B 451 22.07 -8.27 24.45
C LEU B 451 23.50 -8.74 24.27
N ARG B 452 24.30 -7.99 23.54
CA ARG B 452 25.65 -8.37 23.16
C ARG B 452 26.57 -7.16 23.35
N PRO B 453 27.88 -7.39 23.47
CA PRO B 453 28.80 -6.25 23.44
C PRO B 453 28.90 -5.70 22.03
N SER B 454 28.23 -4.58 21.78
CA SER B 454 28.11 -4.05 20.43
C SER B 454 29.23 -3.07 20.14
N ALA B 455 29.26 -2.55 18.92
CA ALA B 455 30.26 -1.54 18.58
C ALA B 455 30.05 -0.27 19.39
N SER B 456 28.81 0.10 19.67
CA SER B 456 28.57 1.29 20.48
C SER B 456 29.10 1.12 21.90
N THR B 457 28.88 -0.05 22.51
CA THR B 457 29.35 -0.27 23.86
C THR B 457 30.85 -0.50 23.95
N GLN B 458 31.50 -0.86 22.84
CA GLN B 458 32.94 -1.07 22.79
C GLN B 458 33.70 0.15 22.30
N ALA B 459 33.03 1.29 22.12
CA ALA B 459 33.71 2.48 21.64
C ALA B 459 34.72 2.98 22.67
N LEU B 460 35.80 3.57 22.16
CA LEU B 460 36.86 4.06 23.04
C LEU B 460 36.34 5.16 23.96
N SER B 461 35.54 6.08 23.41
CA SER B 461 34.98 7.20 24.16
C SER B 461 33.53 7.35 23.74
N SER B 462 32.62 6.87 24.59
CA SER B 462 31.20 6.95 24.34
C SER B 462 30.59 8.13 25.09
N SER B 463 29.53 8.69 24.53
CA SER B 463 28.85 9.82 25.14
C SER B 463 27.35 9.67 24.95
N VAL B 464 26.59 9.85 26.01
CA VAL B 464 25.13 9.77 25.94
C VAL B 464 24.58 11.17 25.65
N SER B 465 23.71 11.26 24.66
CA SER B 465 23.15 12.54 24.28
C SER B 465 22.31 13.12 25.41
N SER B 466 22.35 14.44 25.55
CA SER B 466 21.60 15.16 26.59
C SER B 466 20.97 16.39 25.97
N SER B 467 19.67 16.56 26.20
CA SER B 467 18.94 17.72 25.69
C SER B 467 17.59 17.85 26.38
N THR B 479 6.53 0.98 29.23
CA THR B 479 7.22 -0.24 28.82
C THR B 479 7.26 -1.26 29.96
N SER B 480 7.75 -2.46 29.66
CA SER B 480 7.82 -3.53 30.63
C SER B 480 9.07 -4.35 30.38
N PHE B 481 9.44 -5.16 31.37
CA PHE B 481 10.60 -6.03 31.24
C PHE B 481 10.40 -7.01 30.10
N GLY B 482 11.43 -7.15 29.27
CA GLY B 482 11.40 -8.01 28.11
C GLY B 482 11.07 -7.30 26.80
N GLU B 483 10.49 -6.12 26.87
CA GLU B 483 10.22 -5.36 25.65
C GLU B 483 11.54 -4.92 25.03
N GLU B 484 11.61 -4.97 23.70
CA GLU B 484 12.85 -4.78 22.96
C GLU B 484 12.88 -3.37 22.40
N VAL B 485 13.56 -2.47 23.09
CA VAL B 485 13.76 -1.11 22.62
C VAL B 485 14.98 -1.10 21.70
N GLU B 486 15.06 -0.09 20.85
CA GLU B 486 16.18 0.09 19.92
C GLU B 486 16.96 1.33 20.34
N VAL B 487 18.14 1.12 20.92
CA VAL B 487 19.01 2.21 21.32
C VAL B 487 19.85 2.59 20.12
N HIS B 488 19.90 3.88 19.81
CA HIS B 488 20.50 4.40 18.59
C HIS B 488 21.76 5.18 18.92
N ASN B 489 22.82 4.91 18.18
CA ASN B 489 24.11 5.56 18.36
C ASN B 489 24.61 6.07 17.03
N LEU B 490 25.40 7.13 17.10
CA LEU B 490 26.25 7.55 15.99
C LEU B 490 27.67 7.10 16.32
N LEU B 491 28.09 6.01 15.72
CA LEU B 491 29.47 5.58 15.83
C LEU B 491 30.35 6.44 14.95
N ILE B 492 31.57 6.67 15.40
CA ILE B 492 32.63 7.27 14.59
C ILE B 492 33.72 6.21 14.49
N ILE B 493 34.00 5.78 13.25
CA ILE B 493 34.91 4.69 12.97
C ILE B 493 36.07 5.23 12.14
N ASP B 494 37.29 4.98 12.59
CA ASP B 494 38.46 5.38 11.83
C ASP B 494 38.47 4.65 10.50
N GLN B 495 38.96 5.33 9.45
CA GLN B 495 39.00 4.70 8.14
C GLN B 495 40.11 3.67 8.04
N HIS B 496 41.22 3.87 8.77
CA HIS B 496 42.38 3.01 8.61
C HIS B 496 42.24 1.74 9.43
N THR B 497 42.16 1.87 10.75
CA THR B 497 42.13 0.70 11.63
C THR B 497 40.72 0.18 11.88
N PHE B 498 39.70 1.02 11.69
CA PHE B 498 38.29 0.69 11.89
C PHE B 498 37.94 0.41 13.34
N GLU B 499 38.83 0.71 14.28
CA GLU B 499 38.43 0.75 15.68
C GLU B 499 37.43 1.87 15.87
N VAL B 500 36.36 1.59 16.61
CA VAL B 500 35.30 2.58 16.80
C VAL B 500 35.86 3.71 17.66
N LEU B 501 36.13 4.85 17.04
CA LEU B 501 36.72 5.96 17.77
C LEU B 501 35.72 6.68 18.66
N HIS B 502 34.42 6.56 18.39
CA HIS B 502 33.45 7.21 19.27
C HIS B 502 32.10 6.53 19.09
N ALA B 503 31.22 6.75 20.07
CA ALA B 503 29.84 6.29 19.97
C ALA B 503 28.96 7.27 20.75
N HIS B 504 28.17 8.05 20.02
CA HIS B 504 27.25 9.01 20.64
C HIS B 504 25.88 8.35 20.71
N GLN B 505 25.53 7.83 21.88
CA GLN B 505 24.20 7.28 22.08
C GLN B 505 23.17 8.41 22.05
N PHE B 506 22.01 8.12 21.47
CA PHE B 506 20.95 9.09 21.32
C PHE B 506 19.95 8.98 22.46
N LEU B 507 19.05 9.95 22.52
CA LEU B 507 18.08 10.02 23.61
C LEU B 507 17.14 8.81 23.57
N GLN B 508 16.34 8.68 24.62
CA GLN B 508 15.39 7.58 24.70
C GLN B 508 14.37 7.69 23.59
N ASN B 509 14.26 6.64 22.79
CA ASN B 509 13.35 6.56 21.65
C ASN B 509 13.69 7.54 20.54
N GLU B 510 14.90 8.14 20.57
CA GLU B 510 15.33 9.07 19.52
C GLU B 510 15.92 8.23 18.39
N TYR B 511 15.03 7.74 17.53
CA TYR B 511 15.47 7.02 16.34
C TYR B 511 16.26 7.96 15.46
N ALA B 512 17.42 7.51 14.98
CA ALA B 512 18.27 8.29 14.09
C ALA B 512 17.99 7.83 12.66
N LEU B 513 17.30 8.67 11.90
CA LEU B 513 16.83 8.26 10.58
C LEU B 513 17.92 8.45 9.52
N SER B 514 18.51 9.63 9.44
CA SER B 514 19.41 9.99 8.36
C SER B 514 20.61 10.76 8.91
N LEU B 515 21.72 10.65 8.20
CA LEU B 515 22.99 11.24 8.63
C LEU B 515 23.76 11.68 7.39
N VAL B 516 24.37 12.86 7.48
CA VAL B 516 25.21 13.39 6.41
C VAL B 516 26.44 14.04 7.02
N SER B 517 27.59 13.82 6.36
CA SER B 517 28.82 14.56 6.65
C SER B 517 28.99 15.65 5.60
N CYS B 518 29.20 16.88 6.04
CA CYS B 518 29.26 17.97 5.08
C CYS B 518 29.73 19.25 5.75
N LYS B 519 30.44 20.07 4.99
CA LYS B 519 30.63 21.46 5.35
C LYS B 519 29.31 22.20 5.18
N LEU B 520 29.10 23.22 6.01
CA LEU B 520 27.89 24.03 5.95
C LEU B 520 28.27 25.51 5.99
N GLY B 521 27.71 26.28 5.08
CA GLY B 521 27.88 27.73 5.10
C GLY B 521 29.32 28.15 5.02
N LYS B 522 29.66 29.19 5.77
CA LYS B 522 31.03 29.69 5.84
C LYS B 522 31.87 28.99 6.89
N ASP B 523 31.31 28.02 7.61
CA ASP B 523 32.07 27.34 8.65
C ASP B 523 33.12 26.45 8.00
N PRO B 524 34.43 26.65 8.26
CA PRO B 524 35.41 25.72 7.68
C PRO B 524 35.27 24.31 8.18
N ASN B 525 34.82 24.12 9.41
CA ASN B 525 34.69 22.79 9.97
C ASN B 525 33.56 22.03 9.28
N THR B 526 33.79 20.74 9.03
CA THR B 526 32.76 19.84 8.53
C THR B 526 32.18 19.04 9.68
N TYR B 527 30.87 18.77 9.59
CA TYR B 527 30.08 18.28 10.70
C TYR B 527 29.40 16.97 10.35
N PHE B 528 29.27 16.09 11.33
CA PHE B 528 28.38 14.95 11.23
C PHE B 528 26.99 15.42 11.65
N ILE B 529 26.08 15.51 10.68
CA ILE B 529 24.76 16.09 10.92
C ILE B 529 23.74 14.96 10.81
N VAL B 530 22.95 14.79 11.87
CA VAL B 530 22.03 13.66 12.01
C VAL B 530 20.61 14.18 12.07
N GLY B 531 19.73 13.57 11.28
CA GLY B 531 18.30 13.75 11.43
C GLY B 531 17.73 12.66 12.30
N THR B 532 16.90 13.05 13.26
CA THR B 532 16.37 12.13 14.27
C THR B 532 14.90 12.43 14.51
N ALA B 533 14.18 11.39 14.94
CA ALA B 533 12.78 11.48 15.29
C ALA B 533 12.54 10.73 16.58
N MET B 534 11.85 11.35 17.53
CA MET B 534 11.47 10.67 18.76
C MET B 534 10.21 9.85 18.47
N VAL B 535 10.37 8.53 18.46
CA VAL B 535 9.31 7.60 18.06
C VAL B 535 8.82 6.89 19.33
N TYR B 536 7.76 7.40 19.90
CA TYR B 536 7.14 6.73 21.03
C TYR B 536 6.19 5.65 20.53
N PRO B 537 5.94 4.59 21.32
CA PRO B 537 5.06 3.52 20.83
C PRO B 537 3.65 3.98 20.50
N GLU B 538 3.11 4.94 21.26
CA GLU B 538 1.73 5.34 21.07
C GLU B 538 1.56 6.11 19.77
N GLU B 539 2.41 7.10 19.53
CA GLU B 539 2.27 7.98 18.37
C GLU B 539 2.83 7.30 17.14
N ALA B 540 1.95 6.96 16.19
CA ALA B 540 2.42 6.35 14.95
C ALA B 540 3.30 7.31 14.17
N GLU B 541 2.82 8.52 13.92
CA GLU B 541 3.63 9.54 13.27
C GLU B 541 4.48 10.24 14.33
N PRO B 542 5.79 10.45 14.10
CA PRO B 542 6.57 11.19 15.10
C PRO B 542 6.25 12.68 15.03
N LYS B 543 5.79 13.22 16.16
CA LYS B 543 5.50 14.64 16.27
C LYS B 543 6.71 15.46 16.68
N GLN B 544 7.87 14.83 16.90
CA GLN B 544 9.06 15.52 17.40
C GLN B 544 10.30 14.92 16.77
N GLY B 545 11.36 15.72 16.72
CA GLY B 545 12.61 15.23 16.20
C GLY B 545 13.73 16.23 16.49
N ARG B 546 14.86 16.00 15.84
CA ARG B 546 16.04 16.81 16.10
C ARG B 546 17.02 16.71 14.95
N ILE B 547 17.48 17.85 14.47
CA ILE B 547 18.61 17.93 13.55
C ILE B 547 19.80 18.35 14.38
N VAL B 548 20.73 17.44 14.61
CA VAL B 548 21.84 17.64 15.54
C VAL B 548 23.14 17.69 14.75
N VAL B 549 23.95 18.71 15.03
CA VAL B 549 25.19 18.99 14.34
C VAL B 549 26.33 18.63 15.29
N PHE B 550 27.03 17.54 14.98
CA PHE B 550 28.20 17.07 15.72
C PHE B 550 29.47 17.48 14.98
N GLN B 551 30.56 17.54 15.74
CA GLN B 551 31.88 17.79 15.16
C GLN B 551 32.87 16.84 15.83
N TYR B 552 33.41 15.89 15.06
CA TYR B 552 34.45 14.99 15.56
C TYR B 552 35.79 15.67 15.35
N SER B 553 36.23 16.41 16.38
CA SER B 553 37.49 17.11 16.36
C SER B 553 38.30 16.73 17.60
N ASP B 554 39.60 16.52 17.40
CA ASP B 554 40.52 16.18 18.49
C ASP B 554 40.10 14.88 19.17
N GLY B 555 39.61 13.93 18.38
CA GLY B 555 39.32 12.61 18.90
C GLY B 555 38.09 12.52 19.77
N LYS B 556 37.22 13.53 19.77
CA LYS B 556 36.02 13.53 20.59
C LYS B 556 34.89 14.16 19.79
N LEU B 557 33.78 13.44 19.66
CA LEU B 557 32.60 13.94 18.96
C LEU B 557 31.75 14.71 19.96
N GLN B 558 31.75 16.03 19.84
CA GLN B 558 31.02 16.92 20.74
C GLN B 558 29.98 17.67 19.93
N THR B 559 28.75 17.72 20.43
CA THR B 559 27.66 18.39 19.74
C THR B 559 27.96 19.87 19.59
N VAL B 560 27.77 20.38 18.38
CA VAL B 560 27.96 21.80 18.09
C VAL B 560 26.61 22.51 18.11
N ALA B 561 25.57 21.83 17.66
CA ALA B 561 24.26 22.46 17.62
C ALA B 561 23.17 21.38 17.62
N GLU B 562 21.95 21.82 17.90
CA GLU B 562 20.79 20.94 17.81
C GLU B 562 19.55 21.79 17.60
N LYS B 563 18.75 21.45 16.59
CA LYS B 563 17.52 22.14 16.26
C LYS B 563 16.37 21.17 16.46
N GLU B 564 15.46 21.51 17.38
CA GLU B 564 14.34 20.63 17.71
C GLU B 564 13.22 20.92 16.72
N VAL B 565 13.21 20.17 15.63
CA VAL B 565 12.19 20.34 14.59
C VAL B 565 10.93 19.59 15.00
N LYS B 566 9.77 20.17 14.67
CA LYS B 566 8.48 19.57 14.99
C LYS B 566 8.12 18.54 13.92
N GLY B 567 8.82 17.42 13.96
CA GLY B 567 8.56 16.35 13.02
C GLY B 567 9.73 15.37 13.00
N ALA B 568 9.62 14.43 12.06
CA ALA B 568 10.63 13.39 11.87
C ALA B 568 11.51 13.76 10.68
N VAL B 569 12.82 13.65 10.87
CA VAL B 569 13.80 14.06 9.87
C VAL B 569 14.20 12.79 9.11
N TYR B 570 13.45 12.47 8.06
CA TYR B 570 13.64 11.18 7.41
C TYR B 570 14.84 11.17 6.48
N SER B 571 15.22 12.33 5.94
CA SER B 571 16.32 12.38 4.97
C SER B 571 16.95 13.76 5.06
N MET B 572 18.12 13.88 4.44
CA MET B 572 19.02 14.97 4.78
C MET B 572 20.14 15.04 3.75
N VAL B 573 20.48 16.25 3.27
CA VAL B 573 21.50 16.43 2.25
C VAL B 573 22.11 17.81 2.38
N GLU B 574 23.29 17.98 1.79
CA GLU B 574 24.01 19.26 1.79
C GLU B 574 23.71 19.92 0.44
N PHE B 575 22.64 20.71 0.40
CA PHE B 575 22.25 21.44 -0.79
C PHE B 575 23.07 22.72 -0.90
N ASN B 576 24.18 22.65 -1.65
CA ASN B 576 24.95 23.83 -2.06
C ASN B 576 25.42 24.64 -0.85
N GLY B 577 25.88 23.95 0.19
CA GLY B 577 26.37 24.60 1.39
C GLY B 577 25.30 24.94 2.40
N LYS B 578 24.02 24.89 2.02
CA LYS B 578 22.91 25.03 2.94
C LYS B 578 22.29 23.65 3.14
N LEU B 579 21.91 23.35 4.38
CA LEU B 579 21.44 22.01 4.71
C LEU B 579 19.96 21.87 4.34
N LEU B 580 19.63 20.81 3.62
CA LEU B 580 18.25 20.52 3.22
C LEU B 580 17.79 19.29 3.98
N ALA B 581 16.70 19.41 4.73
CA ALA B 581 16.18 18.37 5.58
C ALA B 581 14.72 18.11 5.24
N SER B 582 14.22 16.96 5.68
CA SER B 582 12.89 16.48 5.35
C SER B 582 12.12 16.21 6.63
N ILE B 583 11.39 17.22 7.10
CA ILE B 583 10.69 17.16 8.38
C ILE B 583 9.23 16.83 8.05
N ASN B 584 8.92 15.53 8.03
CA ASN B 584 7.62 15.05 7.58
C ASN B 584 7.35 15.62 6.19
N SER B 585 6.12 16.05 5.89
CA SER B 585 5.81 16.69 4.61
C SER B 585 6.18 18.17 4.66
N THR B 586 7.47 18.43 4.90
CA THR B 586 7.99 19.78 4.91
C THR B 586 9.49 19.68 4.58
N VAL B 587 9.82 19.90 3.31
CA VAL B 587 11.22 19.94 2.89
C VAL B 587 11.76 21.32 3.21
N ARG B 588 12.62 21.41 4.21
CA ARG B 588 13.03 22.67 4.81
C ARG B 588 14.52 22.86 4.63
N LEU B 589 14.90 24.03 4.12
CA LEU B 589 16.30 24.42 4.04
C LEU B 589 16.74 25.09 5.34
N TYR B 590 18.06 25.16 5.51
CA TYR B 590 18.66 25.53 6.78
C TYR B 590 19.98 26.21 6.50
N GLU B 591 20.12 27.47 6.94
CA GLU B 591 21.37 28.20 6.85
C GLU B 591 22.15 27.99 8.14
N TRP B 592 23.43 27.64 8.00
CA TRP B 592 24.33 27.50 9.14
C TRP B 592 24.87 28.88 9.48
N THR B 593 24.27 29.50 10.49
CA THR B 593 24.57 30.88 10.82
C THR B 593 26.00 31.02 11.35
N THR B 594 26.46 32.26 11.42
CA THR B 594 27.76 32.54 12.01
C THR B 594 27.78 32.24 13.50
N GLU B 595 26.62 32.16 14.15
CA GLU B 595 26.53 31.77 15.55
C GLU B 595 26.57 30.26 15.75
N LYS B 596 26.93 29.50 14.71
CA LYS B 596 27.02 28.04 14.81
C LYS B 596 25.68 27.42 15.16
N GLU B 597 24.60 27.99 14.64
CA GLU B 597 23.25 27.52 14.85
C GLU B 597 22.52 27.45 13.53
N LEU B 598 21.62 26.49 13.41
CA LEU B 598 20.88 26.23 12.18
C LEU B 598 19.59 27.03 12.19
N ARG B 599 19.42 27.89 11.19
CA ARG B 599 18.23 28.73 11.06
C ARG B 599 17.45 28.30 9.83
N THR B 600 16.17 28.01 10.01
CA THR B 600 15.33 27.64 8.87
C THR B 600 15.24 28.77 7.87
N GLU B 601 15.35 28.43 6.58
CA GLU B 601 15.28 29.41 5.50
C GLU B 601 13.91 29.39 4.82
N CYS B 602 13.49 28.24 4.32
CA CYS B 602 12.23 28.11 3.60
C CYS B 602 11.58 26.78 3.95
N ASN B 603 10.31 26.66 3.60
CA ASN B 603 9.55 25.42 3.73
C ASN B 603 8.96 25.08 2.37
N HIS B 604 8.69 23.79 2.17
CA HIS B 604 7.93 23.34 1.01
C HIS B 604 7.09 22.14 1.43
N TYR B 605 5.78 22.35 1.56
CA TYR B 605 4.86 21.31 2.00
C TYR B 605 4.34 20.59 0.78
N ASN B 606 4.72 19.32 0.63
CA ASN B 606 4.43 18.56 -0.57
C ASN B 606 3.22 17.64 -0.45
N ASN B 607 2.63 17.51 0.74
CA ASN B 607 1.57 16.56 1.09
C ASN B 607 2.11 15.14 1.23
N ILE B 608 3.41 14.91 1.00
CA ILE B 608 4.07 13.63 1.18
C ILE B 608 5.31 13.90 2.02
N MET B 609 5.57 13.04 3.00
CA MET B 609 6.82 13.17 3.73
C MET B 609 7.97 12.75 2.83
N ALA B 610 9.03 13.56 2.80
CA ALA B 610 10.13 13.39 1.86
C ALA B 610 11.13 12.40 2.45
N LEU B 611 10.91 11.12 2.19
CA LEU B 611 11.84 10.09 2.64
C LEU B 611 13.10 10.02 1.81
N TYR B 612 13.02 10.33 0.53
CA TYR B 612 14.16 10.27 -0.37
C TYR B 612 14.46 11.69 -0.82
N LEU B 613 15.68 12.14 -0.54
CA LEU B 613 16.06 13.52 -0.74
C LEU B 613 17.44 13.50 -1.38
N LYS B 614 17.48 13.75 -2.69
CA LYS B 614 18.72 13.79 -3.44
C LYS B 614 18.81 15.14 -4.13
N THR B 615 20.02 15.57 -4.42
CA THR B 615 20.25 16.91 -4.95
C THR B 615 21.36 16.89 -5.98
N LYS B 616 21.19 17.71 -7.02
CA LYS B 616 22.23 17.93 -8.02
C LYS B 616 22.12 19.39 -8.46
N GLY B 617 23.11 20.19 -8.11
CA GLY B 617 23.05 21.60 -8.43
C GLY B 617 21.88 22.25 -7.73
N ASP B 618 20.99 22.84 -8.52
CA ASP B 618 19.78 23.48 -8.01
C ASP B 618 18.57 22.55 -8.04
N PHE B 619 18.74 21.29 -8.43
CA PHE B 619 17.64 20.37 -8.67
C PHE B 619 17.51 19.44 -7.47
N ILE B 620 16.29 19.32 -6.93
CA ILE B 620 16.03 18.60 -5.69
C ILE B 620 15.02 17.51 -5.99
N LEU B 621 15.46 16.26 -5.93
CA LEU B 621 14.59 15.10 -6.02
C LEU B 621 14.05 14.79 -4.62
N VAL B 622 12.76 14.97 -4.44
CA VAL B 622 12.03 14.60 -3.23
C VAL B 622 11.16 13.40 -3.58
N GLY B 623 11.02 12.48 -2.63
CA GLY B 623 10.20 11.31 -2.86
C GLY B 623 9.74 10.70 -1.56
N ASP B 624 8.65 9.94 -1.67
CA ASP B 624 8.07 9.19 -0.56
C ASP B 624 8.05 7.72 -0.95
N LEU B 625 7.62 6.89 -0.02
CA LEU B 625 7.67 5.45 -0.25
C LEU B 625 6.59 5.00 -1.24
N MET B 626 5.65 5.87 -1.62
CA MET B 626 4.62 5.56 -2.58
C MET B 626 5.05 5.81 -4.02
N ARG B 627 6.34 6.00 -4.27
CA ARG B 627 6.84 6.46 -5.56
C ARG B 627 6.14 7.78 -5.90
N SER B 628 6.33 8.75 -5.02
CA SER B 628 5.81 10.11 -5.22
C SER B 628 6.92 11.04 -5.65
N VAL B 629 7.42 10.83 -6.87
CA VAL B 629 8.63 11.52 -7.32
C VAL B 629 8.29 12.97 -7.61
N LEU B 630 8.84 13.88 -6.82
CA LEU B 630 8.53 15.31 -6.92
C LEU B 630 9.85 16.05 -7.07
N LEU B 631 10.00 16.79 -8.16
CA LEU B 631 11.22 17.51 -8.47
C LEU B 631 11.00 19.00 -8.19
N LEU B 632 11.73 19.52 -7.21
CA LEU B 632 11.75 20.93 -6.85
C LEU B 632 13.02 21.60 -7.39
N ALA B 633 13.00 22.92 -7.39
CA ALA B 633 14.14 23.71 -7.84
C ALA B 633 14.22 24.95 -6.94
N TYR B 634 15.08 24.89 -5.93
CA TYR B 634 15.33 26.05 -5.10
C TYR B 634 15.89 27.19 -5.96
N LYS B 635 15.16 28.29 -6.02
CA LYS B 635 15.56 29.43 -6.82
C LYS B 635 16.29 30.42 -5.92
N PRO B 636 17.62 30.60 -6.06
CA PRO B 636 18.31 31.54 -5.16
C PRO B 636 17.82 32.97 -5.27
N MET B 637 17.40 33.40 -6.47
CA MET B 637 16.94 34.77 -6.64
C MET B 637 15.71 35.05 -5.78
N GLU B 638 14.75 34.12 -5.78
CA GLU B 638 13.59 34.24 -4.91
C GLU B 638 13.85 33.72 -3.50
N GLY B 639 14.83 32.83 -3.34
CA GLY B 639 15.04 32.21 -2.05
C GLY B 639 13.83 31.41 -1.62
N ASN B 640 13.32 30.58 -2.52
CA ASN B 640 12.10 29.84 -2.27
C ASN B 640 12.10 28.58 -3.12
N PHE B 641 11.49 27.53 -2.60
CA PHE B 641 11.30 26.29 -3.35
C PHE B 641 10.12 26.43 -4.30
N GLU B 642 10.22 25.75 -5.44
CA GLU B 642 9.16 25.75 -6.43
C GLU B 642 9.14 24.39 -7.10
N GLU B 643 8.02 23.69 -7.00
CA GLU B 643 7.85 22.44 -7.70
C GLU B 643 7.98 22.67 -9.20
N ILE B 644 8.76 21.82 -9.86
CA ILE B 644 8.92 21.87 -11.30
C ILE B 644 8.48 20.59 -11.98
N ALA B 645 8.38 19.47 -11.27
CA ALA B 645 7.81 18.28 -11.87
C ALA B 645 7.26 17.37 -10.78
N ARG B 646 6.39 16.45 -11.19
CA ARG B 646 5.67 15.62 -10.22
C ARG B 646 5.15 14.38 -10.92
N ASP B 647 5.24 13.25 -10.22
CA ASP B 647 4.73 11.98 -10.71
C ASP B 647 4.37 11.14 -9.49
N PHE B 648 3.10 11.18 -9.10
CA PHE B 648 2.58 10.42 -7.98
C PHE B 648 1.91 9.13 -8.45
N ASN B 649 2.69 8.30 -9.13
CA ASN B 649 2.18 7.00 -9.54
C ASN B 649 2.23 6.07 -8.33
N PRO B 650 1.09 5.51 -7.86
CA PRO B 650 1.16 4.66 -6.67
C PRO B 650 1.92 3.36 -6.90
N ASN B 651 3.10 3.24 -6.31
CA ASN B 651 3.86 2.00 -6.37
C ASN B 651 4.92 2.05 -5.29
N TRP B 652 5.17 0.92 -4.65
CA TRP B 652 6.07 0.88 -3.50
C TRP B 652 7.48 1.23 -3.97
N MET B 653 8.16 2.10 -3.22
CA MET B 653 9.45 2.65 -3.61
C MET B 653 10.45 2.41 -2.49
N SER B 654 11.72 2.23 -2.86
CA SER B 654 12.75 1.87 -1.90
C SER B 654 13.95 2.82 -1.93
N ALA B 655 14.26 3.40 -3.08
CA ALA B 655 15.39 4.33 -3.17
C ALA B 655 15.34 5.03 -4.52
N VAL B 656 16.01 6.18 -4.58
CA VAL B 656 16.07 7.01 -5.78
C VAL B 656 17.48 7.56 -5.95
N GLU B 657 17.69 8.19 -7.09
CA GLU B 657 18.94 8.92 -7.33
C GLU B 657 18.72 9.89 -8.46
N ILE B 658 19.60 10.88 -8.55
CA ILE B 658 19.60 11.86 -9.63
C ILE B 658 20.74 11.45 -10.55
N LEU B 659 20.42 10.67 -11.58
CA LEU B 659 21.44 10.23 -12.53
C LEU B 659 22.10 11.43 -13.21
N ASP B 660 21.31 12.43 -13.59
CA ASP B 660 21.81 13.70 -14.07
C ASP B 660 20.68 14.71 -13.92
N ASP B 661 20.85 15.90 -14.50
CA ASP B 661 19.80 16.91 -14.42
C ASP B 661 18.51 16.44 -15.07
N ASP B 662 18.60 15.54 -16.05
CA ASP B 662 17.44 15.07 -16.78
C ASP B 662 16.83 13.82 -16.17
N ASN B 663 17.65 12.85 -15.80
CA ASN B 663 17.20 11.50 -15.49
C ASN B 663 17.32 11.24 -13.99
N PHE B 664 16.39 10.43 -13.48
CA PHE B 664 16.31 10.11 -12.05
C PHE B 664 16.03 8.63 -11.91
N LEU B 665 17.01 7.89 -11.39
CA LEU B 665 16.86 6.47 -11.15
C LEU B 665 16.01 6.25 -9.90
N GLY B 666 15.31 5.12 -9.88
CA GLY B 666 14.40 4.79 -8.80
C GLY B 666 14.47 3.33 -8.44
N ALA B 667 13.48 2.83 -7.71
CA ALA B 667 13.41 1.40 -7.43
C ALA B 667 11.96 1.06 -7.09
N GLU B 668 11.27 0.39 -8.00
CA GLU B 668 9.84 0.21 -7.90
C GLU B 668 9.52 -0.92 -6.92
N ASN B 669 8.25 -1.36 -6.91
CA ASN B 669 7.71 -2.19 -5.85
C ASN B 669 8.44 -3.52 -5.86
N ALA B 670 8.22 -4.30 -6.91
CA ALA B 670 8.63 -5.70 -6.92
C ALA B 670 10.02 -5.83 -7.55
N PHE B 671 11.02 -5.43 -6.77
CA PHE B 671 12.40 -5.75 -7.07
C PHE B 671 12.86 -5.05 -8.34
N ASN B 672 12.35 -3.85 -8.56
CA ASN B 672 12.38 -3.17 -9.84
C ASN B 672 13.38 -2.03 -9.82
N LEU B 673 13.91 -1.72 -10.99
CA LEU B 673 14.59 -0.46 -11.26
C LEU B 673 13.80 0.30 -12.32
N PHE B 674 13.97 1.61 -12.33
CA PHE B 674 13.42 2.42 -13.39
C PHE B 674 14.11 3.77 -13.38
N VAL B 675 13.96 4.50 -14.47
CA VAL B 675 14.50 5.83 -14.62
C VAL B 675 13.42 6.73 -15.20
N CYS B 676 13.10 7.81 -14.48
CA CYS B 676 12.19 8.83 -14.95
C CYS B 676 12.99 9.97 -15.57
N GLN B 677 12.30 10.81 -16.33
CA GLN B 677 12.91 11.93 -17.03
C GLN B 677 12.05 13.17 -16.86
N LYS B 678 12.71 14.30 -16.67
CA LYS B 678 12.00 15.57 -16.51
C LYS B 678 11.47 16.07 -17.85
N THR B 683 7.01 22.18 -23.99
CA THR B 683 5.86 21.96 -24.86
C THR B 683 4.57 22.34 -24.17
N THR B 684 4.35 21.79 -22.98
CA THR B 684 3.17 22.05 -22.18
C THR B 684 3.57 22.10 -20.72
N ASP B 685 2.85 22.91 -19.93
CA ASP B 685 3.12 22.96 -18.50
C ASP B 685 2.85 21.61 -17.84
N GLU B 686 1.73 20.98 -18.21
CA GLU B 686 1.44 19.65 -17.67
C GLU B 686 2.49 18.64 -18.11
N GLU B 687 2.87 18.66 -19.39
CA GLU B 687 3.93 17.77 -19.87
C GLU B 687 5.26 18.10 -19.22
N ARG B 688 5.58 19.39 -19.12
CA ARG B 688 6.83 19.79 -18.46
C ARG B 688 6.80 19.43 -16.99
N GLN B 689 5.69 19.67 -16.32
CA GLN B 689 5.54 19.33 -14.90
C GLN B 689 5.00 17.92 -14.75
N HIS B 690 5.74 16.97 -15.32
CA HIS B 690 5.36 15.56 -15.27
C HIS B 690 6.57 14.72 -15.64
N LEU B 691 6.96 13.82 -14.75
CA LEU B 691 8.11 12.96 -14.99
C LEU B 691 7.66 11.74 -15.79
N GLN B 692 8.17 11.62 -17.01
CA GLN B 692 7.87 10.45 -17.83
C GLN B 692 8.68 9.27 -17.35
N GLU B 693 8.01 8.14 -17.12
CA GLU B 693 8.69 6.90 -16.74
C GLU B 693 9.37 6.34 -17.98
N VAL B 694 10.56 6.85 -18.27
CA VAL B 694 11.19 6.58 -19.55
C VAL B 694 11.67 5.15 -19.61
N GLY B 695 12.49 4.73 -18.64
CA GLY B 695 13.12 3.42 -18.67
C GLY B 695 12.67 2.55 -17.52
N LEU B 696 12.59 1.25 -17.78
CA LEU B 696 12.05 0.27 -16.85
C LEU B 696 12.99 -0.91 -16.77
N PHE B 697 12.92 -1.66 -15.66
CA PHE B 697 13.76 -2.84 -15.51
C PHE B 697 13.28 -3.62 -14.30
N HIS B 698 13.37 -4.94 -14.39
CA HIS B 698 13.22 -5.82 -13.23
C HIS B 698 14.61 -6.28 -12.83
N LEU B 699 15.18 -5.61 -11.85
CA LEU B 699 16.49 -5.99 -11.35
C LEU B 699 16.47 -7.41 -10.80
N GLY B 700 15.37 -7.78 -10.14
CA GLY B 700 15.31 -9.00 -9.38
C GLY B 700 15.78 -8.87 -7.95
N GLU B 701 16.37 -7.72 -7.58
CA GLU B 701 16.78 -7.44 -6.22
C GLU B 701 16.05 -6.20 -5.71
N PHE B 702 15.74 -6.18 -4.42
CA PHE B 702 15.11 -5.03 -3.79
C PHE B 702 16.21 -4.02 -3.49
N VAL B 703 16.29 -2.96 -4.30
CA VAL B 703 17.32 -1.95 -4.11
C VAL B 703 17.03 -1.16 -2.85
N ASN B 704 18.06 -0.96 -2.04
CA ASN B 704 17.99 -0.20 -0.80
C ASN B 704 18.55 1.19 -0.92
N VAL B 705 19.55 1.39 -1.77
CA VAL B 705 20.39 2.56 -1.71
C VAL B 705 21.04 2.76 -3.07
N PHE B 706 21.24 4.03 -3.42
CA PHE B 706 22.00 4.45 -4.59
C PHE B 706 23.11 5.38 -4.15
N CYS B 707 24.27 5.29 -4.81
CA CYS B 707 25.39 6.15 -4.48
C CYS B 707 26.20 6.42 -5.74
N HIS B 708 26.57 7.69 -5.93
CA HIS B 708 27.38 8.07 -7.07
C HIS B 708 28.83 7.70 -6.84
N GLY B 709 29.42 7.06 -7.82
CA GLY B 709 30.81 6.66 -7.74
C GLY B 709 31.06 5.44 -8.59
N SER B 710 32.31 4.99 -8.58
CA SER B 710 32.72 3.83 -9.34
C SER B 710 33.82 3.11 -8.57
N LEU B 711 33.91 1.81 -8.79
CA LEU B 711 34.91 0.98 -8.15
C LEU B 711 36.20 0.86 -8.97
N VAL B 712 36.32 1.58 -10.07
CA VAL B 712 37.45 1.49 -10.97
C VAL B 712 38.11 2.86 -11.06
N MET B 713 39.40 2.85 -11.40
CA MET B 713 40.18 4.08 -11.50
C MET B 713 39.66 4.96 -12.62
N PRO B 722 32.75 5.77 -23.00
CA PRO B 722 31.70 4.87 -23.50
C PRO B 722 30.39 5.07 -22.77
N THR B 723 30.37 4.76 -21.46
CA THR B 723 29.20 4.91 -20.62
C THR B 723 29.44 6.09 -19.69
N GLN B 724 28.55 7.08 -19.74
CA GLN B 724 28.68 8.29 -18.95
C GLN B 724 28.03 8.08 -17.60
N GLY B 725 28.71 8.52 -16.55
CA GLY B 725 28.18 8.41 -15.20
C GLY B 725 28.39 7.02 -14.62
N SER B 726 28.23 6.93 -13.31
CA SER B 726 28.37 5.66 -12.61
C SER B 726 27.65 5.78 -11.27
N VAL B 727 26.55 5.04 -11.13
CA VAL B 727 25.75 5.04 -9.92
C VAL B 727 25.65 3.61 -9.43
N LEU B 728 26.38 3.29 -8.37
CA LEU B 728 26.23 1.98 -7.78
C LEU B 728 24.96 1.93 -6.94
N PHE B 729 24.48 0.72 -6.69
CA PHE B 729 23.33 0.55 -5.83
C PHE B 729 23.47 -0.74 -5.04
N GLY B 730 22.82 -0.74 -3.87
CA GLY B 730 22.86 -1.86 -2.95
C GLY B 730 21.51 -2.53 -2.82
N THR B 731 21.50 -3.77 -2.33
CA THR B 731 20.30 -4.59 -2.30
C THR B 731 20.19 -5.29 -0.95
N VAL B 732 18.96 -5.70 -0.63
CA VAL B 732 18.78 -6.57 0.54
C VAL B 732 19.52 -7.88 0.34
N ASN B 733 19.60 -8.35 -0.91
CA ASN B 733 20.26 -9.62 -1.22
C ASN B 733 21.77 -9.47 -1.36
N GLY B 734 22.35 -8.37 -0.91
CA GLY B 734 23.79 -8.24 -0.92
C GLY B 734 24.41 -8.18 -2.30
N MET B 735 23.81 -7.42 -3.21
CA MET B 735 24.41 -7.09 -4.50
C MET B 735 24.90 -5.66 -4.46
N ILE B 736 26.01 -5.41 -5.12
CA ILE B 736 26.42 -4.07 -5.53
C ILE B 736 26.29 -4.07 -7.04
N GLY B 737 25.21 -3.47 -7.54
CA GLY B 737 25.04 -3.27 -8.96
C GLY B 737 25.45 -1.87 -9.35
N LEU B 738 25.38 -1.60 -10.65
CA LEU B 738 25.89 -0.35 -11.20
C LEU B 738 25.07 0.05 -12.41
N VAL B 739 24.72 1.34 -12.48
CA VAL B 739 23.98 1.92 -13.59
C VAL B 739 24.87 2.97 -14.23
N THR B 740 24.99 2.93 -15.55
CA THR B 740 25.71 3.93 -16.31
C THR B 740 24.84 4.39 -17.47
N SER B 741 24.67 5.69 -17.62
CA SER B 741 23.91 6.22 -18.74
C SER B 741 24.68 5.97 -20.04
N LEU B 742 23.98 5.45 -21.03
CA LEU B 742 24.55 5.08 -22.31
C LEU B 742 24.08 6.03 -23.41
N SER B 743 24.81 6.03 -24.51
CA SER B 743 24.42 6.79 -25.69
C SER B 743 23.35 6.02 -26.47
N GLU B 744 22.61 6.74 -27.32
CA GLU B 744 21.52 6.13 -28.06
C GLU B 744 22.03 5.05 -29.00
N SER B 745 23.15 5.31 -29.70
CA SER B 745 23.71 4.31 -30.59
C SER B 745 24.14 3.08 -29.82
N TRP B 746 24.82 3.28 -28.70
CA TRP B 746 25.26 2.14 -27.89
C TRP B 746 24.07 1.38 -27.33
N TYR B 747 23.02 2.11 -26.93
CA TYR B 747 21.82 1.42 -26.43
C TYR B 747 21.18 0.58 -27.51
N ASN B 748 21.08 1.10 -28.73
CA ASN B 748 20.50 0.33 -29.82
C ASN B 748 21.33 -0.91 -30.10
N LEU B 749 22.65 -0.74 -30.17
CA LEU B 749 23.54 -1.87 -30.42
C LEU B 749 23.40 -2.92 -29.33
N LEU B 750 23.33 -2.49 -28.07
CA LEU B 750 23.28 -3.43 -26.96
C LEU B 750 21.90 -4.06 -26.81
N LEU B 751 20.85 -3.39 -27.25
CA LEU B 751 19.54 -4.04 -27.25
C LEU B 751 19.47 -5.10 -28.36
N ASP B 752 20.08 -4.81 -29.52
CA ASP B 752 20.16 -5.83 -30.55
C ASP B 752 21.02 -7.01 -30.08
N MET B 753 22.10 -6.71 -29.36
CA MET B 753 22.88 -7.75 -28.68
C MET B 753 22.01 -8.58 -27.77
N GLN B 754 21.18 -7.92 -26.96
CA GLN B 754 20.34 -8.63 -26.01
C GLN B 754 19.40 -9.58 -26.73
N ASN B 755 18.79 -9.11 -27.83
CA ASN B 755 17.88 -9.96 -28.59
C ASN B 755 18.61 -11.16 -29.18
N ARG B 756 19.76 -10.92 -29.83
CA ARG B 756 20.48 -12.03 -30.44
C ARG B 756 20.98 -13.03 -29.41
N LEU B 757 21.51 -12.53 -28.29
CA LEU B 757 22.00 -13.42 -27.25
C LEU B 757 20.86 -14.21 -26.63
N ASN B 758 19.70 -13.58 -26.46
CA ASN B 758 18.53 -14.33 -26.00
C ASN B 758 18.17 -15.42 -26.99
N LYS B 759 18.33 -15.14 -28.28
CA LYS B 759 18.11 -16.18 -29.28
C LYS B 759 19.11 -17.32 -29.12
N VAL B 760 20.34 -17.00 -28.72
CA VAL B 760 21.43 -17.98 -28.69
C VAL B 760 21.60 -18.61 -27.32
N ILE B 761 21.54 -17.81 -26.26
CA ILE B 761 21.81 -18.30 -24.91
C ILE B 761 20.56 -19.00 -24.39
N LYS B 762 20.69 -20.27 -24.03
CA LYS B 762 19.60 -21.05 -23.44
C LYS B 762 19.80 -21.03 -21.94
N SER B 763 19.15 -20.09 -21.27
CA SER B 763 19.22 -20.03 -19.82
C SER B 763 18.58 -21.26 -19.20
N VAL B 764 19.05 -21.63 -18.02
CA VAL B 764 18.53 -22.82 -17.35
C VAL B 764 17.09 -22.56 -16.95
N GLY B 765 16.26 -23.58 -17.10
CA GLY B 765 14.82 -23.40 -17.01
C GLY B 765 14.19 -22.86 -18.26
N LYS B 766 14.97 -22.50 -19.28
CA LYS B 766 14.45 -21.93 -20.52
C LYS B 766 13.64 -20.67 -20.27
N ILE B 767 14.01 -19.90 -19.24
CA ILE B 767 13.26 -18.71 -18.88
C ILE B 767 13.61 -17.64 -19.92
N GLU B 768 12.60 -17.12 -20.60
CA GLU B 768 12.82 -16.04 -21.54
C GLU B 768 13.32 -14.80 -20.79
N HIS B 769 14.38 -14.19 -21.31
CA HIS B 769 14.97 -13.04 -20.61
C HIS B 769 14.01 -11.87 -20.55
N SER B 770 13.30 -11.61 -21.65
CA SER B 770 12.41 -10.46 -21.69
C SER B 770 11.36 -10.55 -20.61
N PHE B 771 10.87 -11.76 -20.32
CA PHE B 771 9.96 -11.93 -19.20
C PHE B 771 10.66 -11.65 -17.89
N TRP B 772 11.92 -12.08 -17.75
CA TRP B 772 12.63 -11.89 -16.49
C TRP B 772 12.80 -10.40 -16.19
N ARG B 773 13.20 -9.62 -17.19
CA ARG B 773 13.40 -8.18 -17.00
C ARG B 773 12.16 -7.35 -17.25
N SER B 774 11.07 -7.95 -17.72
CA SER B 774 9.83 -7.19 -17.81
C SER B 774 9.41 -6.72 -16.43
N PHE B 775 8.88 -5.51 -16.36
CA PHE B 775 8.33 -4.97 -15.13
C PHE B 775 7.38 -5.96 -14.49
N HIS B 776 7.28 -5.90 -13.16
CA HIS B 776 6.41 -6.79 -12.41
C HIS B 776 5.80 -6.02 -11.25
N THR B 777 4.48 -6.10 -11.13
CA THR B 777 3.75 -5.57 -10.00
C THR B 777 2.63 -6.54 -9.67
N GLU B 778 1.89 -6.25 -8.59
CA GLU B 778 0.69 -7.03 -8.31
C GLU B 778 -0.36 -6.87 -9.39
N ARG B 779 -0.36 -5.73 -10.10
CA ARG B 779 -1.38 -5.40 -11.08
C ARG B 779 -0.87 -5.31 -12.52
N LYS B 780 0.45 -5.19 -12.72
CA LYS B 780 1.00 -4.81 -14.01
C LYS B 780 2.21 -5.67 -14.34
N THR B 781 2.46 -5.84 -15.65
CA THR B 781 3.65 -6.55 -16.12
C THR B 781 3.93 -6.08 -17.54
N GLU B 782 4.94 -5.24 -17.70
CA GLU B 782 5.29 -4.64 -18.99
C GLU B 782 6.78 -4.85 -19.27
N PRO B 783 7.20 -4.92 -20.53
CA PRO B 783 8.62 -5.15 -20.82
C PRO B 783 9.49 -3.99 -20.36
N ALA B 784 10.75 -4.31 -20.11
CA ALA B 784 11.73 -3.29 -19.76
C ALA B 784 12.05 -2.42 -20.97
N THR B 785 12.31 -1.15 -20.68
CA THR B 785 12.77 -0.19 -21.68
C THR B 785 13.90 0.64 -21.07
N GLY B 786 14.77 1.15 -21.92
CA GLY B 786 15.81 2.06 -21.47
C GLY B 786 16.85 1.46 -20.56
N PHE B 787 16.87 0.13 -20.41
CA PHE B 787 17.86 -0.56 -19.60
C PHE B 787 18.39 -1.76 -20.37
N ILE B 788 19.62 -2.12 -20.06
CA ILE B 788 20.29 -3.26 -20.67
C ILE B 788 20.85 -4.15 -19.57
N ASP B 789 20.53 -5.43 -19.64
CA ASP B 789 21.05 -6.37 -18.67
C ASP B 789 22.55 -6.49 -18.82
N GLY B 790 23.30 -5.91 -17.87
CA GLY B 790 24.74 -5.99 -17.93
C GLY B 790 25.25 -7.40 -17.82
N ASP B 791 24.56 -8.24 -17.06
CA ASP B 791 24.94 -9.64 -16.97
C ASP B 791 24.86 -10.33 -18.31
N LEU B 792 23.79 -10.08 -19.07
CA LEU B 792 23.63 -10.74 -20.35
C LEU B 792 24.70 -10.29 -21.33
N ILE B 793 24.93 -8.97 -21.41
CA ILE B 793 25.95 -8.47 -22.32
C ILE B 793 27.32 -9.01 -21.93
N GLU B 794 27.62 -9.00 -20.63
CA GLU B 794 28.91 -9.50 -20.15
C GLU B 794 29.05 -11.01 -20.36
N SER B 795 27.95 -11.73 -20.48
CA SER B 795 28.03 -13.16 -20.75
C SER B 795 28.54 -13.46 -22.16
N PHE B 796 28.69 -12.45 -23.03
CA PHE B 796 29.19 -12.69 -24.37
C PHE B 796 30.60 -13.28 -24.32
N LEU B 797 31.44 -12.79 -23.41
CA LEU B 797 32.81 -13.30 -23.35
C LEU B 797 32.86 -14.78 -22.96
N ASP B 798 31.84 -15.29 -22.28
CA ASP B 798 31.88 -16.65 -21.77
C ASP B 798 31.36 -17.67 -22.77
N ILE B 799 30.35 -17.32 -23.57
CA ILE B 799 29.79 -18.29 -24.50
C ILE B 799 30.81 -18.63 -25.58
N SER B 800 30.56 -19.74 -26.28
CA SER B 800 31.54 -20.29 -27.20
C SER B 800 31.73 -19.39 -28.41
N ARG B 801 32.90 -19.54 -29.04
CA ARG B 801 33.21 -18.74 -30.22
C ARG B 801 32.25 -18.99 -31.38
N PRO B 802 31.89 -20.23 -31.75
CA PRO B 802 30.84 -20.38 -32.77
C PRO B 802 29.52 -19.76 -32.37
N LYS B 803 29.16 -19.85 -31.09
CA LYS B 803 28.00 -19.13 -30.61
C LYS B 803 28.20 -17.62 -30.74
N MET B 804 29.42 -17.15 -30.56
CA MET B 804 29.71 -15.74 -30.76
C MET B 804 29.48 -15.34 -32.22
N GLN B 805 29.92 -16.18 -33.14
CA GLN B 805 29.70 -15.91 -34.56
C GLN B 805 28.21 -15.91 -34.88
N GLU B 806 27.45 -16.83 -34.28
CA GLU B 806 26.01 -16.84 -34.47
C GLU B 806 25.39 -15.55 -33.94
N VAL B 807 25.86 -15.08 -32.78
CA VAL B 807 25.29 -13.86 -32.20
C VAL B 807 25.59 -12.66 -33.09
N VAL B 808 26.85 -12.49 -33.49
CA VAL B 808 27.26 -11.26 -34.18
C VAL B 808 26.92 -11.30 -35.67
N ALA B 809 26.27 -12.37 -36.15
CA ALA B 809 25.90 -12.45 -37.55
C ALA B 809 24.95 -11.33 -37.93
N ASN B 810 25.10 -10.85 -39.16
CA ASN B 810 24.29 -9.80 -39.81
C ASN B 810 23.87 -8.69 -38.84
N LEU B 811 24.84 -8.20 -38.09
CA LEU B 811 24.66 -7.11 -37.14
C LEU B 811 25.42 -5.89 -37.63
N GLN B 812 24.71 -4.77 -37.75
CA GLN B 812 25.32 -3.52 -38.18
C GLN B 812 25.99 -2.86 -36.97
N TYR B 813 27.29 -2.60 -37.08
CA TYR B 813 28.08 -2.00 -36.02
C TYR B 813 28.70 -0.71 -36.52
N ASP B 814 28.60 0.34 -35.72
CA ASP B 814 29.15 1.65 -36.03
C ASP B 814 30.31 1.93 -35.08
N ASP B 815 31.48 2.22 -35.65
CA ASP B 815 32.67 2.49 -34.86
C ASP B 815 32.73 3.95 -34.44
N MET B 819 31.54 4.99 -40.23
CA MET B 819 30.44 4.46 -41.01
C MET B 819 30.02 3.09 -40.51
N LYS B 820 28.72 2.84 -40.48
CA LYS B 820 28.21 1.54 -40.03
C LYS B 820 28.66 0.44 -40.99
N ARG B 821 29.07 -0.69 -40.41
CA ARG B 821 29.57 -1.82 -41.18
C ARG B 821 29.13 -3.11 -40.52
N GLU B 822 29.25 -4.20 -41.25
CA GLU B 822 28.92 -5.51 -40.72
C GLU B 822 29.80 -5.83 -39.52
N ALA B 823 29.18 -6.30 -38.45
CA ALA B 823 29.89 -6.54 -37.20
C ALA B 823 30.74 -7.81 -37.29
N THR B 824 31.71 -7.90 -36.39
CA THR B 824 32.55 -9.07 -36.25
C THR B 824 32.74 -9.37 -34.77
N ALA B 825 33.16 -10.61 -34.48
CA ALA B 825 33.25 -11.05 -33.10
C ALA B 825 34.28 -10.23 -32.32
N ASP B 826 35.44 -9.98 -32.91
CA ASP B 826 36.52 -9.31 -32.18
C ASP B 826 36.13 -7.89 -31.78
N ASP B 827 35.56 -7.12 -32.71
CA ASP B 827 35.21 -5.74 -32.42
C ASP B 827 34.17 -5.66 -31.30
N LEU B 828 33.16 -6.51 -31.36
CA LEU B 828 32.08 -6.43 -30.40
C LEU B 828 32.51 -7.02 -29.05
N ILE B 829 33.40 -7.99 -29.06
CA ILE B 829 34.05 -8.42 -27.83
C ILE B 829 34.82 -7.27 -27.20
N LYS B 830 35.50 -6.47 -28.03
CA LYS B 830 36.19 -5.29 -27.50
C LYS B 830 35.20 -4.31 -26.89
N VAL B 831 34.03 -4.15 -27.52
CA VAL B 831 32.99 -3.28 -26.98
C VAL B 831 32.56 -3.78 -25.60
N VAL B 832 32.28 -5.07 -25.48
CA VAL B 832 31.81 -5.59 -24.20
C VAL B 832 32.93 -5.54 -23.17
N GLU B 833 34.19 -5.65 -23.60
CA GLU B 833 35.30 -5.49 -22.66
C GLU B 833 35.34 -4.07 -22.13
N GLU B 834 35.16 -3.09 -23.01
CA GLU B 834 35.05 -1.70 -22.57
C GLU B 834 33.91 -1.54 -21.58
N LEU B 835 32.81 -2.27 -21.80
CA LEU B 835 31.70 -2.23 -20.85
C LEU B 835 32.09 -2.85 -19.51
N THR B 836 32.78 -3.98 -19.52
CA THR B 836 33.16 -4.63 -18.27
C THR B 836 34.13 -3.77 -17.48
N ARG B 837 34.93 -2.95 -18.16
CA ARG B 837 35.92 -2.13 -17.46
C ARG B 837 35.29 -1.06 -16.57
N ILE B 838 33.99 -0.79 -16.70
CA ILE B 838 33.36 0.23 -15.86
C ILE B 838 33.26 -0.21 -14.41
N HIS B 839 33.38 -1.50 -14.13
CA HIS B 839 33.28 -2.02 -12.77
C HIS B 839 34.34 -3.09 -12.52
N ASP C 7 -72.18 28.36 -15.04
CA ASP C 7 -72.34 26.93 -14.78
C ASP C 7 -72.80 26.69 -13.35
N GLU C 8 -73.84 25.86 -13.20
CA GLU C 8 -74.34 25.54 -11.87
C GLU C 8 -73.30 24.81 -11.05
N ARG C 9 -72.56 23.89 -11.67
CA ARG C 9 -71.51 23.17 -10.95
C ARG C 9 -70.41 24.13 -10.49
N ALA C 10 -70.06 25.11 -11.33
CA ALA C 10 -69.05 26.08 -10.94
C ALA C 10 -69.51 26.91 -9.74
N ARG C 11 -70.78 27.35 -9.75
CA ARG C 11 -71.30 28.10 -8.63
C ARG C 11 -71.33 27.26 -7.36
N GLU C 12 -71.74 26.00 -7.47
CA GLU C 12 -71.77 25.12 -6.31
C GLU C 12 -70.36 24.90 -5.76
N ILE C 13 -69.38 24.71 -6.63
CA ILE C 13 -68.01 24.51 -6.18
C ILE C 13 -67.49 25.77 -5.50
N LEU C 14 -67.76 26.94 -6.09
CA LEU C 14 -67.29 28.19 -5.50
C LEU C 14 -67.91 28.42 -4.14
N ARG C 15 -69.20 28.12 -3.99
CA ARG C 15 -69.84 28.22 -2.68
C ARG C 15 -69.24 27.23 -1.69
N GLY C 16 -68.96 26.00 -2.14
CA GLY C 16 -68.49 24.96 -1.25
C GLY C 16 -66.99 24.87 -1.06
N PHE C 17 -66.22 25.48 -1.97
CA PHE C 17 -64.77 25.42 -1.88
C PHE C 17 -64.23 26.54 -1.00
N LYS C 18 -63.10 26.26 -0.34
CA LYS C 18 -62.48 27.25 0.53
C LYS C 18 -61.04 26.84 0.79
N LEU C 19 -60.10 27.76 0.55
CA LEU C 19 -58.69 27.50 0.83
C LEU C 19 -58.46 27.65 2.33
N ASN C 20 -58.25 26.52 3.02
CA ASN C 20 -58.13 26.55 4.47
C ASN C 20 -56.89 27.33 4.90
N TRP C 21 -55.73 26.98 4.35
CA TRP C 21 -54.51 27.72 4.62
C TRP C 21 -53.48 27.39 3.56
N MET C 22 -52.69 28.40 3.20
CA MET C 22 -51.62 28.27 2.22
C MET C 22 -50.29 28.58 2.88
N ASN C 23 -49.23 27.92 2.41
CA ASN C 23 -47.90 28.06 2.98
C ASN C 23 -46.88 27.99 1.85
N LEU C 24 -46.30 29.14 1.50
CA LEU C 24 -45.23 29.22 0.51
C LEU C 24 -43.90 29.27 1.24
N ARG C 25 -42.98 28.38 0.84
CA ARG C 25 -41.72 28.19 1.54
C ARG C 25 -40.62 27.87 0.52
N ASP C 26 -39.39 28.21 0.90
CA ASP C 26 -38.26 27.91 0.04
C ASP C 26 -38.08 26.40 -0.09
N ALA C 27 -37.94 25.91 -1.32
CA ALA C 27 -37.83 24.49 -1.55
C ALA C 27 -36.46 23.96 -1.16
N GLU C 28 -35.42 24.80 -1.21
CA GLU C 28 -34.09 24.37 -0.84
C GLU C 28 -33.91 24.22 0.66
N THR C 29 -34.71 24.94 1.45
CA THR C 29 -34.61 24.94 2.91
C THR C 29 -35.89 24.50 3.59
N GLY C 30 -37.04 24.98 3.11
CA GLY C 30 -38.31 24.74 3.77
C GLY C 30 -38.72 25.80 4.77
N LYS C 31 -38.08 26.98 4.76
CA LYS C 31 -38.47 28.02 5.69
C LYS C 31 -39.79 28.61 5.20
N ILE C 32 -40.74 28.80 6.12
CA ILE C 32 -42.05 29.30 5.73
C ILE C 32 -41.89 30.78 5.43
N LEU C 33 -41.67 31.10 4.15
CA LEU C 33 -41.53 32.50 3.76
C LEU C 33 -42.83 33.25 3.92
N TRP C 34 -43.96 32.58 3.68
CA TRP C 34 -45.26 33.21 3.85
C TRP C 34 -46.27 32.13 4.19
N GLN C 35 -47.22 32.48 5.06
CA GLN C 35 -48.35 31.63 5.37
C GLN C 35 -49.59 32.50 5.51
N GLY C 36 -50.74 31.93 5.16
CA GLY C 36 -51.98 32.67 5.24
C GLY C 36 -53.16 31.74 5.30
N THR C 37 -54.33 32.34 5.58
CA THR C 37 -55.59 31.61 5.67
C THR C 37 -56.69 32.19 4.78
N GLU C 38 -56.41 33.24 4.02
CA GLU C 38 -57.43 33.84 3.16
C GLU C 38 -57.80 32.88 2.03
N ASP C 39 -59.06 32.98 1.59
CA ASP C 39 -59.57 32.15 0.50
C ASP C 39 -59.04 32.72 -0.81
N LEU C 40 -57.90 32.19 -1.27
CA LEU C 40 -57.30 32.68 -2.50
C LEU C 40 -58.13 32.32 -3.74
N SER C 41 -58.93 31.26 -3.66
CA SER C 41 -59.72 30.85 -4.82
C SER C 41 -60.86 31.81 -5.11
N VAL C 42 -61.33 32.57 -4.13
CA VAL C 42 -62.46 33.48 -4.35
C VAL C 42 -62.01 34.60 -5.29
N PRO C 43 -62.87 35.10 -6.20
CA PRO C 43 -62.43 36.22 -7.04
C PRO C 43 -62.10 37.48 -6.23
N HIS C 47 -57.38 40.06 -4.34
CA HIS C 47 -56.89 40.23 -2.98
C HIS C 47 -55.40 40.57 -3.01
N GLU C 48 -54.79 40.73 -1.84
CA GLU C 48 -53.36 41.03 -1.71
C GLU C 48 -52.72 40.04 -0.76
N ALA C 49 -51.48 39.68 -1.05
CA ALA C 49 -50.70 38.75 -0.24
C ALA C 49 -49.40 39.41 0.18
N ARG C 50 -49.07 39.32 1.47
CA ARG C 50 -47.86 39.90 2.02
C ARG C 50 -46.68 38.92 1.94
N VAL C 51 -46.43 38.41 0.75
CA VAL C 51 -45.32 37.48 0.55
C VAL C 51 -44.02 38.26 0.56
N PRO C 52 -43.01 37.90 1.36
CA PRO C 52 -41.79 38.70 1.41
C PRO C 52 -41.00 38.61 0.11
N LYS C 53 -39.94 39.41 0.04
CA LYS C 53 -39.07 39.45 -1.14
C LYS C 53 -38.10 38.28 -1.21
N LYS C 54 -38.00 37.46 -0.15
CA LYS C 54 -37.06 36.34 -0.15
C LYS C 54 -37.38 35.32 -1.24
N ILE C 55 -38.60 35.33 -1.77
CA ILE C 55 -38.93 34.44 -2.89
C ILE C 55 -38.03 34.73 -4.08
N LEU C 56 -37.69 36.01 -4.28
CA LEU C 56 -36.78 36.35 -5.37
C LEU C 56 -35.38 35.78 -5.16
N LYS C 57 -35.02 35.44 -3.92
CA LYS C 57 -33.67 35.00 -3.59
C LYS C 57 -33.54 33.48 -3.47
N CYS C 58 -34.59 32.73 -3.80
CA CYS C 58 -34.59 31.27 -3.68
C CYS C 58 -34.72 30.63 -5.05
N LYS C 59 -34.10 29.46 -5.21
CA LYS C 59 -34.13 28.76 -6.48
C LYS C 59 -35.54 28.35 -6.85
N ALA C 60 -36.31 27.85 -5.88
CA ALA C 60 -37.67 27.39 -6.14
C ALA C 60 -38.45 27.46 -4.83
N VAL C 61 -39.77 27.35 -4.96
CA VAL C 61 -40.70 27.43 -3.84
C VAL C 61 -41.53 26.16 -3.80
N SER C 62 -41.63 25.56 -2.63
CA SER C 62 -42.61 24.51 -2.37
C SER C 62 -43.90 25.19 -1.93
N ARG C 63 -45.01 24.85 -2.60
CA ARG C 63 -46.30 25.50 -2.39
C ARG C 63 -47.27 24.46 -1.88
N GLU C 64 -47.94 24.79 -0.76
CA GLU C 64 -48.83 23.89 -0.05
C GLU C 64 -50.18 24.59 0.16
N LEU C 65 -51.09 24.43 -0.83
CA LEU C 65 -52.45 24.95 -0.73
C LEU C 65 -53.36 23.83 -0.25
N ASN C 66 -53.76 23.91 1.02
CA ASN C 66 -54.76 23.00 1.55
C ASN C 66 -56.14 23.60 1.30
N PHE C 67 -57.01 22.83 0.66
CA PHE C 67 -58.33 23.29 0.26
C PHE C 67 -59.39 22.29 0.71
N SER C 68 -60.51 22.82 1.19
CA SER C 68 -61.68 22.04 1.56
C SER C 68 -62.76 22.27 0.51
N SER C 69 -63.23 21.20 -0.12
CA SER C 69 -64.20 21.26 -1.19
C SER C 69 -65.47 20.53 -0.78
N THR C 70 -66.60 21.19 -0.90
CA THR C 70 -67.90 20.58 -0.61
C THR C 70 -68.44 19.74 -1.75
N GLU C 71 -67.84 19.84 -2.95
CA GLU C 71 -68.28 19.08 -4.11
C GLU C 71 -67.07 18.40 -4.74
N GLN C 72 -67.30 17.21 -5.29
CA GLN C 72 -66.22 16.45 -5.91
C GLN C 72 -65.82 17.08 -7.23
N MET C 73 -64.54 16.90 -7.59
CA MET C 73 -63.99 17.32 -8.87
C MET C 73 -63.45 16.09 -9.58
N GLU C 74 -63.88 15.87 -10.82
CA GLU C 74 -63.41 14.71 -11.58
C GLU C 74 -61.90 14.78 -11.79
N LYS C 75 -61.40 15.96 -12.17
CA LYS C 75 -59.96 16.20 -12.28
C LYS C 75 -59.71 17.63 -11.81
N PHE C 76 -59.45 17.77 -10.51
CA PHE C 76 -59.16 19.08 -9.94
C PHE C 76 -57.75 19.51 -10.35
N ARG C 77 -57.65 20.67 -10.98
CA ARG C 77 -56.37 21.17 -11.46
C ARG C 77 -56.39 22.70 -11.35
N LEU C 78 -55.25 23.32 -11.67
CA LEU C 78 -55.12 24.76 -11.49
C LEU C 78 -54.15 25.31 -12.52
N GLU C 79 -54.37 26.57 -12.88
CA GLU C 79 -53.50 27.34 -13.75
C GLU C 79 -53.04 28.59 -13.01
N GLN C 80 -51.76 28.91 -13.15
CA GLN C 80 -51.16 30.06 -12.49
C GLN C 80 -50.41 30.89 -13.52
N LYS C 81 -50.60 32.21 -13.47
CA LYS C 81 -49.91 33.14 -14.35
C LYS C 81 -49.36 34.29 -13.52
N VAL C 82 -48.21 34.82 -13.96
CA VAL C 82 -47.55 35.93 -13.31
C VAL C 82 -47.51 37.10 -14.27
N TYR C 83 -48.00 38.26 -13.83
CA TYR C 83 -48.04 39.47 -14.62
C TYR C 83 -47.27 40.57 -13.92
N PHE C 84 -46.39 41.24 -14.65
CA PHE C 84 -45.59 42.35 -14.14
C PHE C 84 -46.06 43.63 -14.84
N LYS C 85 -46.88 44.42 -14.15
CA LYS C 85 -47.46 45.63 -14.72
C LYS C 85 -48.27 45.32 -15.97
N GLY C 86 -49.00 44.21 -15.94
CA GLY C 86 -49.82 43.79 -17.06
C GLY C 86 -49.10 42.94 -18.09
N GLN C 87 -47.79 42.78 -17.98
CA GLN C 87 -47.01 41.97 -18.90
C GLN C 87 -46.75 40.61 -18.28
N CYS C 88 -47.12 39.54 -19.00
CA CYS C 88 -46.98 38.19 -18.47
C CYS C 88 -45.51 37.86 -18.26
N LEU C 89 -45.16 37.50 -17.03
CA LEU C 89 -43.79 37.16 -16.65
C LEU C 89 -43.53 35.66 -16.66
N GLU C 90 -44.45 34.88 -16.09
CA GLU C 90 -44.29 33.43 -16.05
C GLU C 90 -45.66 32.80 -15.89
N GLU C 91 -45.73 31.51 -16.25
CA GLU C 91 -46.96 30.73 -16.15
C GLU C 91 -46.65 29.38 -15.54
N TRP C 92 -47.61 28.88 -14.76
CA TRP C 92 -47.50 27.60 -14.08
C TRP C 92 -48.80 26.83 -14.27
N PHE C 93 -48.73 25.52 -14.11
CA PHE C 93 -49.88 24.65 -14.26
C PHE C 93 -49.70 23.44 -13.35
N PHE C 94 -50.79 23.06 -12.67
CA PHE C 94 -50.77 21.99 -11.69
C PHE C 94 -51.93 21.03 -11.96
N GLU C 95 -51.96 19.94 -11.19
CA GLU C 95 -53.03 18.96 -11.31
C GLU C 95 -52.99 18.06 -10.09
N PHE C 96 -54.10 18.00 -9.34
CA PHE C 96 -54.25 17.10 -8.20
C PHE C 96 -55.09 15.88 -8.53
N GLY C 97 -56.15 16.04 -9.32
CA GLY C 97 -56.96 14.92 -9.75
C GLY C 97 -58.23 14.72 -8.94
N PHE C 98 -58.54 13.45 -8.64
CA PHE C 98 -59.80 13.13 -7.99
C PHE C 98 -59.87 13.75 -6.60
N VAL C 99 -61.02 14.35 -6.30
CA VAL C 99 -61.28 14.96 -4.99
C VAL C 99 -62.70 14.59 -4.58
N ILE C 100 -62.87 14.13 -3.35
CA ILE C 100 -64.17 13.70 -2.85
C ILE C 100 -64.95 14.92 -2.38
N PRO C 101 -66.29 14.89 -2.34
CA PRO C 101 -67.02 16.02 -1.79
C PRO C 101 -66.77 16.17 -0.29
N ASN C 102 -66.80 17.43 0.16
CA ASN C 102 -66.68 17.74 1.58
C ASN C 102 -65.37 17.21 2.17
N SER C 103 -64.31 17.27 1.37
CA SER C 103 -63.01 16.73 1.72
C SER C 103 -61.97 17.83 1.74
N THR C 104 -61.04 17.74 2.70
CA THR C 104 -59.92 18.67 2.83
C THR C 104 -58.66 17.96 2.38
N ASN C 105 -57.94 18.58 1.45
CA ASN C 105 -56.78 17.96 0.82
C ASN C 105 -55.66 18.99 0.64
N THR C 106 -54.43 18.53 0.83
CA THR C 106 -53.23 19.35 0.63
C THR C 106 -52.78 19.29 -0.82
N TRP C 107 -52.01 20.31 -1.21
CA TRP C 107 -51.57 20.49 -2.61
C TRP C 107 -50.09 20.87 -2.61
N GLN C 108 -49.22 19.86 -2.63
CA GLN C 108 -47.77 20.09 -2.64
C GLN C 108 -47.28 20.18 -4.08
N SER C 109 -46.70 21.32 -4.43
CA SER C 109 -46.25 21.54 -5.80
C SER C 109 -45.10 22.54 -5.80
N LEU C 110 -44.66 22.95 -7.00
CA LEU C 110 -43.50 23.80 -7.19
C LEU C 110 -43.88 25.13 -7.81
N ILE C 111 -43.10 26.15 -7.48
CA ILE C 111 -43.06 27.42 -8.20
C ILE C 111 -41.59 27.70 -8.49
N GLU C 112 -41.18 27.52 -9.73
CA GLU C 112 -39.78 27.67 -10.12
C GLU C 112 -39.35 29.13 -9.98
N GLN C 118 -33.22 35.29 -13.32
CA GLN C 118 -33.94 35.86 -14.46
C GLN C 118 -35.12 36.72 -14.02
N MET C 119 -35.63 36.45 -12.82
CA MET C 119 -36.75 37.24 -12.30
C MET C 119 -36.29 38.66 -12.02
N MET C 120 -37.24 39.59 -12.14
CA MET C 120 -36.93 41.00 -11.95
C MET C 120 -36.62 41.26 -10.47
N PRO C 121 -35.93 42.36 -10.15
CA PRO C 121 -35.69 42.69 -8.74
C PRO C 121 -36.99 42.93 -7.99
N ALA C 122 -36.96 42.62 -6.69
CA ALA C 122 -38.15 42.80 -5.86
C ALA C 122 -38.57 44.26 -5.79
N SER C 123 -37.62 45.19 -5.90
CA SER C 123 -37.97 46.60 -5.90
C SER C 123 -38.85 46.95 -7.09
N VAL C 124 -38.53 46.40 -8.26
CA VAL C 124 -39.35 46.66 -9.45
C VAL C 124 -40.70 45.96 -9.32
N LEU C 125 -40.70 44.72 -8.81
CA LEU C 125 -41.91 43.92 -8.69
C LEU C 125 -42.64 44.13 -7.37
N THR C 126 -42.17 45.02 -6.50
CA THR C 126 -42.81 45.26 -5.21
C THR C 126 -44.17 45.91 -5.46
N GLY C 127 -45.24 45.13 -5.32
CA GLY C 127 -46.59 45.61 -5.54
C GLY C 127 -47.03 45.63 -6.99
N ASN C 128 -46.13 45.42 -7.94
CA ASN C 128 -46.45 45.41 -9.36
C ASN C 128 -46.53 43.99 -9.92
N VAL C 129 -46.73 42.99 -9.06
CA VAL C 129 -46.81 41.59 -9.45
C VAL C 129 -48.21 41.09 -9.17
N ILE C 130 -48.84 40.49 -10.18
CA ILE C 130 -50.19 39.95 -10.08
C ILE C 130 -50.11 38.45 -10.38
N ILE C 131 -50.54 37.64 -9.43
CA ILE C 131 -50.63 36.19 -9.60
C ILE C 131 -52.08 35.86 -9.89
N GLU C 132 -52.35 35.46 -11.13
CA GLU C 132 -53.69 35.07 -11.56
C GLU C 132 -53.80 33.55 -11.40
N THR C 133 -54.69 33.11 -10.52
CA THR C 133 -54.90 31.70 -10.22
C THR C 133 -56.31 31.31 -10.65
N LYS C 134 -56.39 30.30 -11.50
CA LYS C 134 -57.65 29.77 -12.00
C LYS C 134 -57.77 28.32 -11.57
N PHE C 135 -58.76 28.03 -10.72
CA PHE C 135 -59.01 26.68 -10.23
C PHE C 135 -60.07 26.03 -11.12
N PHE C 136 -59.75 24.84 -11.63
CA PHE C 136 -60.62 24.10 -12.53
C PHE C 136 -61.07 22.82 -11.85
N LEU C 140 -63.44 21.34 -15.60
CA LEU C 140 -64.21 22.55 -15.85
C LEU C 140 -63.73 23.69 -14.95
N LEU C 141 -63.78 24.91 -15.49
CA LEU C 141 -63.33 26.08 -14.74
C LEU C 141 -64.27 26.34 -13.57
N VAL C 142 -63.70 26.32 -12.36
CA VAL C 142 -64.48 26.54 -11.14
C VAL C 142 -64.43 27.99 -10.70
N SER C 143 -63.24 28.59 -10.68
CA SER C 143 -63.12 29.97 -10.25
C SER C 143 -61.84 30.57 -10.77
N THR C 144 -61.77 31.91 -10.75
CA THR C 144 -60.59 32.65 -11.11
C THR C 144 -60.40 33.78 -10.11
N SER C 145 -59.14 34.13 -9.85
CA SER C 145 -58.83 35.17 -8.88
C SER C 145 -57.46 35.75 -9.19
N ARG C 146 -57.20 36.93 -8.61
CA ARG C 146 -55.94 37.62 -8.76
C ARG C 146 -55.43 38.06 -7.38
N VAL C 147 -54.14 37.85 -7.15
CA VAL C 147 -53.49 38.20 -5.88
C VAL C 147 -52.35 39.16 -6.19
N ARG C 148 -52.36 40.31 -5.52
CA ARG C 148 -51.30 41.30 -5.66
C ARG C 148 -50.18 40.95 -4.67
N LEU C 149 -48.97 40.76 -5.20
CA LEU C 149 -47.82 40.37 -4.39
C LEU C 149 -47.07 41.62 -3.95
N PHE C 150 -46.84 41.73 -2.64
CA PHE C 150 -46.10 42.83 -2.04
C PHE C 150 -44.80 42.26 -1.50
N TYR C 151 -43.76 42.25 -2.34
CA TYR C 151 -42.47 41.71 -1.97
C TYR C 151 -41.83 42.51 -0.83
#